data_7XXJ
#
_entry.id   7XXJ
#
_cell.length_a   1.00
_cell.length_b   1.00
_cell.length_c   1.00
_cell.angle_alpha   90.00
_cell.angle_beta   90.00
_cell.angle_gamma   90.00
#
_symmetry.space_group_name_H-M   'P 1'
#
loop_
_entity.id
_entity.type
_entity.pdbx_description
1 polymer VP1
2 polymer VP2
3 polymer VP3
4 polymer VP4
5 non-polymer 'PALMITIC ACID'
#
loop_
_entity_poly.entity_id
_entity_poly.type
_entity_poly.pdbx_seq_one_letter_code
_entity_poly.pdbx_strand_id
1 'polypeptide(L)'
;GDNQDRTVANTQPSGPSNSKEIPALTAVETGHTSQVDPSDTLQTRHVVNFHSRSESTVENFMGRAACVFMDQYKLNGEET
STDNFAVWTINVREMAQLRRKCELFTYMRFDIEMTMVITSCQDQGTQLEQDMPVLTHQIMYVPPGGPIPAKVDSYEWQTS
TNPSVFWTEGNAPARMSIPFISVGNAYSLFYDGWSHFTQDGTYGYTTLNAMGKLFVRHVNKSSPHQITSTIRVYFKPKHI
KAWVPRPPRLCPYINKGDVNFVVTEVTDARKSITDTPH
;
A
2 'polypeptide(L)'
;SPSAEECGYSDRVRSMTLGNSTITTQESANVVVGYGEWPSYLSDKEATAEDQPTQPDVATCRFYTLESVQWEKSSPGWWW
KFPEALKNMGLFGQNMHYHYLGRAGYTIHVQCNASKFHQGCLLVVCVPEAEMGCADTSTTFPATELTTEEEPHVFTSDSI
TGKKVQAAVCNAGMGVGVGNLTIFPHQWINLRTNNSATIVMPYINSVPMDNMFRHYNFTLMIIPFAPLNFNEGATAYVPV
TVTIAPMYAEYNGLRLASTQ
;
B
3 'polypeptide(L)'
;GVPVLNTPGSTQFLTSDDFQSPSAMPQFDETPEMHIPGEVRNLMEMAEVDSVVPVNNITGKTKSMEAYQIAVGTGNTDKT
KPIFSFQMDPGYSSVLKRTLLGEMLNYYAHWSGSVKLTFLFCGSAMATGKLLISYSPPGASVPSSRKDAMLGTHIIWDIG
LQSSCVLCVPWISQSHYRMVQQDPYTSAGYITCWYQTNIVVPPGAPTSCDVLCFASACNDFSVRLLRDTPFMAQPGKLQ
;
C
4 'polypeptide(L)' MGAQVSTQKTGAHETSLNAKGNSIIHYTNINFYKDAASSASNRQELQQDPGKFTDPVKDLMVKTLPALN D
#
loop_
_chem_comp.id
_chem_comp.type
_chem_comp.name
_chem_comp.formula
PLM non-polymer 'PALMITIC ACID' 'C16 H32 O2'
#
# COMPACT_ATOMS: atom_id res chain seq x y z
N ARG A 6 -8.95 -18.46 -16.28
CA ARG A 6 -8.61 -17.24 -15.54
C ARG A 6 -8.99 -17.38 -14.06
N THR A 7 -9.55 -18.53 -13.70
CA THR A 7 -9.97 -18.76 -12.33
C THR A 7 -8.75 -18.93 -11.41
N VAL A 8 -9.00 -18.81 -10.11
CA VAL A 8 -7.95 -18.95 -9.11
C VAL A 8 -7.52 -20.41 -9.06
N ALA A 9 -6.37 -20.66 -8.43
CA ALA A 9 -5.84 -22.02 -8.36
C ALA A 9 -6.78 -22.93 -7.57
N ASN A 10 -7.03 -24.11 -8.10
CA ASN A 10 -7.92 -25.06 -7.46
C ASN A 10 -7.23 -25.68 -6.25
N THR A 11 -8.01 -25.94 -5.21
CA THR A 11 -7.49 -26.59 -4.01
C THR A 11 -7.20 -28.06 -4.33
N GLN A 12 -5.92 -28.40 -4.42
CA GLN A 12 -5.53 -29.76 -4.74
C GLN A 12 -5.89 -30.70 -3.59
N PRO A 13 -6.28 -31.94 -3.90
CA PRO A 13 -6.60 -32.90 -2.83
C PRO A 13 -5.37 -33.22 -2.00
N SER A 14 -5.59 -33.37 -0.69
CA SER A 14 -4.52 -33.69 0.25
C SER A 14 -4.92 -34.88 1.11
N GLY A 15 -3.98 -35.37 1.90
CA GLY A 15 -4.21 -36.46 2.81
C GLY A 15 -3.35 -36.35 4.04
N PRO A 16 -3.42 -37.36 4.91
CA PRO A 16 -2.55 -37.37 6.10
C PRO A 16 -1.09 -37.42 5.69
N SER A 17 -0.25 -36.71 6.46
CA SER A 17 1.16 -36.60 6.13
C SER A 17 1.98 -36.49 7.40
N ASN A 18 3.07 -37.26 7.47
CA ASN A 18 4.07 -37.16 8.53
C ASN A 18 5.42 -37.18 7.83
N SER A 19 5.89 -36.01 7.41
CA SER A 19 7.11 -35.89 6.63
C SER A 19 7.94 -34.71 7.15
N LYS A 20 9.10 -34.51 6.53
CA LYS A 20 10.01 -33.44 6.89
C LYS A 20 9.77 -32.19 6.07
N GLU A 21 8.70 -32.15 5.27
CA GLU A 21 8.45 -31.00 4.40
C GLU A 21 8.08 -29.75 5.18
N ILE A 22 7.44 -29.91 6.34
CA ILE A 22 6.91 -28.83 7.19
C ILE A 22 6.42 -27.66 6.36
N PRO A 23 5.39 -27.83 5.53
CA PRO A 23 4.90 -26.69 4.73
C PRO A 23 4.42 -25.53 5.59
N ALA A 24 3.79 -25.81 6.73
CA ALA A 24 3.33 -24.74 7.61
C ALA A 24 4.52 -23.96 8.19
N LEU A 25 5.59 -24.65 8.55
CA LEU A 25 6.75 -24.00 9.15
C LEU A 25 7.49 -23.20 8.08
N THR A 26 7.37 -21.87 8.16
CA THR A 26 8.06 -20.98 7.25
C THR A 26 8.87 -19.96 8.04
N ALA A 27 9.33 -18.90 7.40
CA ALA A 27 10.04 -17.83 8.09
C ALA A 27 9.62 -16.49 7.50
N VAL A 28 8.94 -15.68 8.31
CA VAL A 28 8.65 -14.30 7.91
C VAL A 28 9.91 -13.45 7.90
N GLU A 29 10.97 -13.93 8.58
CA GLU A 29 12.26 -13.25 8.52
C GLU A 29 12.76 -13.16 7.08
N THR A 30 12.38 -14.10 6.24
CA THR A 30 12.76 -14.05 4.83
C THR A 30 12.10 -12.90 4.08
N GLY A 31 10.99 -12.38 4.60
CA GLY A 31 10.21 -11.39 3.89
C GLY A 31 9.35 -11.95 2.79
N HIS A 32 9.33 -13.27 2.61
CA HIS A 32 8.54 -13.93 1.59
C HIS A 32 7.28 -14.49 2.24
N THR A 33 6.12 -14.01 1.79
CA THR A 33 4.86 -14.58 2.25
C THR A 33 4.76 -16.03 1.79
N SER A 34 4.40 -16.91 2.73
CA SER A 34 4.32 -18.33 2.42
C SER A 34 3.36 -18.59 1.28
N GLN A 35 3.79 -19.40 0.32
CA GLN A 35 2.94 -19.82 -0.79
C GLN A 35 2.13 -21.06 -0.47
N VAL A 36 1.93 -21.34 0.82
CA VAL A 36 1.25 -22.57 1.22
C VAL A 36 -0.23 -22.50 0.84
N ASP A 37 -0.82 -23.68 0.72
CA ASP A 37 -2.24 -23.85 0.38
C ASP A 37 -2.91 -24.59 1.53
N PRO A 38 -4.25 -24.56 1.63
CA PRO A 38 -4.90 -25.37 2.67
C PRO A 38 -4.60 -26.85 2.56
N SER A 39 -4.28 -27.34 1.37
CA SER A 39 -3.86 -28.74 1.22
C SER A 39 -2.54 -29.00 1.91
N ASP A 40 -1.70 -27.97 2.07
CA ASP A 40 -0.39 -28.15 2.68
C ASP A 40 -0.50 -28.34 4.19
N THR A 41 -1.05 -27.35 4.88
CA THR A 41 -1.14 -27.42 6.34
C THR A 41 -2.11 -28.50 6.79
N LEU A 42 -3.31 -28.52 6.20
CA LEU A 42 -4.36 -29.44 6.60
C LEU A 42 -4.67 -30.42 5.47
N GLN A 43 -5.67 -31.27 5.70
CA GLN A 43 -6.12 -32.26 4.73
C GLN A 43 -7.40 -31.76 4.08
N THR A 44 -7.33 -31.50 2.77
CA THR A 44 -8.43 -30.91 2.04
C THR A 44 -8.86 -31.80 0.88
N ARG A 45 -10.14 -31.71 0.55
CA ARG A 45 -10.70 -32.41 -0.60
C ARG A 45 -10.36 -31.67 -1.89
N HIS A 46 -10.45 -32.39 -3.01
CA HIS A 46 -10.21 -31.79 -4.31
C HIS A 46 -11.37 -30.85 -4.64
N VAL A 47 -11.12 -29.56 -4.49
CA VAL A 47 -12.12 -28.53 -4.77
C VAL A 47 -11.66 -27.76 -6.00
N VAL A 48 -12.44 -27.82 -7.07
CA VAL A 48 -12.15 -27.05 -8.27
C VAL A 48 -12.68 -25.64 -8.05
N ASN A 49 -11.78 -24.67 -7.94
CA ASN A 49 -12.14 -23.30 -7.60
C ASN A 49 -12.51 -22.57 -8.88
N PHE A 50 -13.81 -22.56 -9.20
CA PHE A 50 -14.30 -21.75 -10.30
C PHE A 50 -14.30 -20.27 -9.97
N HIS A 51 -14.01 -19.89 -8.72
CA HIS A 51 -13.86 -18.50 -8.36
C HIS A 51 -12.68 -17.90 -9.12
N SER A 52 -12.84 -16.65 -9.55
CA SER A 52 -11.84 -15.96 -10.34
C SER A 52 -11.53 -14.63 -9.69
N ARG A 53 -10.28 -14.19 -9.82
CA ARG A 53 -9.89 -12.88 -9.32
C ARG A 53 -10.27 -11.78 -10.30
N SER A 54 -11.54 -11.79 -10.69
CA SER A 54 -12.15 -10.72 -11.46
C SER A 54 -12.89 -9.78 -10.53
N GLU A 55 -12.96 -8.52 -10.93
CA GLU A 55 -13.42 -7.38 -10.14
C GLU A 55 -12.41 -7.04 -9.04
N SER A 56 -11.39 -7.87 -8.81
CA SER A 56 -10.27 -7.55 -7.96
C SER A 56 -9.08 -7.02 -8.74
N THR A 57 -9.12 -7.10 -10.07
CA THR A 57 -8.09 -6.51 -10.91
C THR A 57 -8.06 -5.00 -10.71
N VAL A 58 -6.86 -4.42 -10.72
CA VAL A 58 -6.73 -2.97 -10.62
C VAL A 58 -7.51 -2.29 -11.75
N GLU A 59 -7.56 -2.93 -12.91
CA GLU A 59 -8.37 -2.41 -14.01
C GLU A 59 -9.85 -2.39 -13.63
N ASN A 60 -10.33 -3.47 -13.03
CA ASN A 60 -11.72 -3.53 -12.60
C ASN A 60 -11.96 -2.73 -11.33
N PHE A 61 -11.00 -2.73 -10.41
CA PHE A 61 -11.16 -2.00 -9.15
C PHE A 61 -11.29 -0.51 -9.40
N MET A 62 -10.45 0.03 -10.29
CA MET A 62 -10.59 1.43 -10.69
C MET A 62 -11.71 1.65 -11.69
N GLY A 63 -12.28 0.55 -12.23
CA GLY A 63 -13.37 0.70 -13.18
C GLY A 63 -14.57 1.40 -12.57
N ARG A 64 -14.83 1.16 -11.29
CA ARG A 64 -15.89 1.88 -10.59
C ARG A 64 -15.56 3.37 -10.55
N ALA A 65 -16.38 4.17 -11.24
CA ALA A 65 -16.15 5.60 -11.30
C ALA A 65 -16.58 6.26 -10.00
N ALA A 66 -15.71 7.10 -9.45
CA ALA A 66 -15.97 7.78 -8.18
C ALA A 66 -15.70 9.26 -8.31
N CYS A 67 -16.43 10.05 -7.52
CA CYS A 67 -16.28 11.49 -7.53
C CYS A 67 -14.89 11.91 -7.07
N VAL A 68 -14.37 12.98 -7.66
CA VAL A 68 -13.07 13.51 -7.28
C VAL A 68 -13.15 15.02 -7.09
N PHE A 69 -14.24 15.62 -7.54
CA PHE A 69 -14.35 17.07 -7.51
C PHE A 69 -15.82 17.47 -7.51
N MET A 70 -16.28 18.06 -6.41
CA MET A 70 -17.61 18.64 -6.30
C MET A 70 -17.47 20.12 -5.96
N ASP A 71 -18.06 20.98 -6.77
CA ASP A 71 -18.01 22.41 -6.54
C ASP A 71 -19.29 23.05 -7.05
N GLN A 72 -19.61 24.21 -6.50
CA GLN A 72 -20.82 24.94 -6.85
C GLN A 72 -20.43 26.23 -7.57
N TYR A 73 -20.80 26.34 -8.84
CA TYR A 73 -20.60 27.56 -9.61
C TYR A 73 -21.96 28.09 -10.04
N LYS A 74 -22.09 29.42 -10.02
CA LYS A 74 -23.38 30.08 -10.09
C LYS A 74 -23.54 30.84 -11.39
N LEU A 75 -24.79 31.18 -11.69
CA LEU A 75 -25.15 32.05 -12.81
C LEU A 75 -25.79 33.31 -12.25
N ASN A 76 -25.25 34.47 -12.62
CA ASN A 76 -25.75 35.76 -12.15
C ASN A 76 -25.74 35.84 -10.63
N SER A 81 -17.14 37.95 -10.82
CA SER A 81 -16.48 37.35 -9.68
C SER A 81 -15.97 35.96 -10.01
N THR A 82 -15.43 35.27 -9.00
CA THR A 82 -14.89 33.93 -9.17
C THR A 82 -15.87 32.84 -8.75
N ASP A 83 -17.08 33.21 -8.31
CA ASP A 83 -18.08 32.24 -7.92
C ASP A 83 -18.97 31.81 -9.09
N ASN A 84 -18.86 32.45 -10.24
CA ASN A 84 -19.64 32.08 -11.41
C ASN A 84 -19.02 30.93 -12.20
N PHE A 85 -17.78 30.55 -11.89
CA PHE A 85 -17.16 29.37 -12.48
C PHE A 85 -16.39 28.64 -11.40
N ALA A 86 -16.30 27.32 -11.54
CA ALA A 86 -15.66 26.45 -10.58
C ALA A 86 -14.26 26.10 -11.06
N VAL A 87 -13.26 26.29 -10.19
CA VAL A 87 -11.86 26.01 -10.49
C VAL A 87 -11.47 24.75 -9.75
N TRP A 88 -10.81 23.83 -10.46
CA TRP A 88 -10.36 22.58 -9.86
C TRP A 88 -8.89 22.37 -10.21
N THR A 89 -8.02 22.46 -9.22
CA THR A 89 -6.68 21.94 -9.39
C THR A 89 -6.80 20.43 -9.52
N ILE A 90 -6.59 19.91 -10.73
CA ILE A 90 -7.04 18.56 -11.05
C ILE A 90 -6.18 17.56 -10.29
N ASN A 91 -6.75 16.96 -9.24
CA ASN A 91 -6.11 15.92 -8.47
C ASN A 91 -7.16 14.96 -7.96
N VAL A 92 -6.79 13.67 -7.88
CA VAL A 92 -7.72 12.67 -7.37
C VAL A 92 -7.91 12.79 -5.86
N ARG A 93 -7.05 13.54 -5.19
CA ARG A 93 -7.00 13.53 -3.74
C ARG A 93 -8.09 14.40 -3.09
N GLU A 94 -8.83 15.18 -3.88
CA GLU A 94 -9.84 16.06 -3.29
C GLU A 94 -10.93 15.26 -2.59
N MET A 95 -11.37 14.15 -3.19
CA MET A 95 -12.39 13.28 -2.62
C MET A 95 -11.72 12.03 -2.07
N ALA A 96 -12.05 11.69 -0.81
CA ALA A 96 -11.36 10.61 -0.13
C ALA A 96 -11.71 9.24 -0.69
N GLN A 97 -12.88 9.11 -1.33
CA GLN A 97 -13.34 7.79 -1.75
C GLN A 97 -12.45 7.22 -2.84
N LEU A 98 -12.19 7.99 -3.90
CA LEU A 98 -11.30 7.52 -4.94
C LEU A 98 -9.83 7.75 -4.58
N ARG A 99 -9.54 8.72 -3.72
CA ARG A 99 -8.16 8.99 -3.34
C ARG A 99 -7.53 7.77 -2.69
N ARG A 100 -8.22 7.14 -1.75
CA ARG A 100 -7.65 5.98 -1.08
C ARG A 100 -7.49 4.81 -2.05
N LYS A 101 -8.41 4.67 -3.00
CA LYS A 101 -8.23 3.68 -4.06
C LYS A 101 -6.96 3.95 -4.84
N CYS A 102 -6.78 5.20 -5.30
CA CYS A 102 -5.57 5.55 -6.03
C CYS A 102 -4.33 5.53 -5.15
N GLU A 103 -4.49 5.71 -3.84
CA GLU A 103 -3.37 5.65 -2.91
C GLU A 103 -3.04 4.24 -2.47
N LEU A 104 -3.75 3.24 -2.99
CA LEU A 104 -3.33 1.85 -2.83
C LEU A 104 -2.08 1.52 -3.62
N PHE A 105 -1.71 2.37 -4.58
CA PHE A 105 -0.54 2.17 -5.41
C PHE A 105 0.22 3.48 -5.54
N THR A 106 1.55 3.39 -5.46
CA THR A 106 2.36 4.60 -5.58
C THR A 106 2.26 5.19 -6.99
N TYR A 107 2.41 4.34 -8.01
CA TYR A 107 2.37 4.76 -9.39
C TYR A 107 1.24 4.03 -10.10
N MET A 108 0.37 4.78 -10.75
CA MET A 108 -0.71 4.22 -11.56
C MET A 108 -0.70 4.91 -12.91
N ARG A 109 -0.40 4.17 -13.96
CA ARG A 109 -0.45 4.69 -15.33
C ARG A 109 -1.83 4.36 -15.88
N PHE A 110 -2.79 5.25 -15.62
CA PHE A 110 -4.17 5.02 -16.00
C PHE A 110 -4.63 6.12 -16.95
N ASP A 111 -5.29 5.72 -18.03
CA ASP A 111 -6.07 6.66 -18.83
C ASP A 111 -7.35 6.97 -18.08
N ILE A 112 -7.52 8.23 -17.67
CA ILE A 112 -8.58 8.60 -16.76
C ILE A 112 -9.79 9.04 -17.57
N GLU A 113 -10.95 8.49 -17.24
CA GLU A 113 -12.19 8.79 -17.95
C GLU A 113 -13.05 9.65 -17.03
N MET A 114 -13.05 10.95 -17.28
CA MET A 114 -13.85 11.88 -16.49
C MET A 114 -15.28 11.90 -17.01
N THR A 115 -16.24 11.80 -16.10
CA THR A 115 -17.66 11.86 -16.45
C THR A 115 -18.30 12.93 -15.58
N MET A 116 -18.38 14.15 -16.10
CA MET A 116 -18.94 15.26 -15.36
C MET A 116 -20.44 15.08 -15.17
N VAL A 117 -20.90 15.18 -13.92
CA VAL A 117 -22.31 15.17 -13.59
C VAL A 117 -22.66 16.54 -13.03
N ILE A 118 -23.50 17.28 -13.74
CA ILE A 118 -23.83 18.66 -13.40
C ILE A 118 -25.34 18.76 -13.21
N THR A 119 -25.75 19.29 -12.05
CA THR A 119 -27.16 19.45 -11.73
C THR A 119 -27.38 20.89 -11.25
N SER A 120 -28.31 21.59 -11.90
CA SER A 120 -28.66 22.92 -11.48
C SER A 120 -29.49 22.89 -10.19
N CYS A 121 -29.30 23.90 -9.36
CA CYS A 121 -29.96 23.94 -8.05
C CYS A 121 -31.12 24.91 -7.96
N GLN A 122 -31.11 25.99 -8.74
CA GLN A 122 -32.15 27.03 -8.66
C GLN A 122 -32.25 27.56 -7.24
N ASP A 123 -31.21 28.28 -6.82
CA ASP A 123 -31.06 28.77 -5.45
C ASP A 123 -32.33 29.46 -4.96
N GLN A 124 -32.70 29.15 -3.71
CA GLN A 124 -33.91 29.69 -3.11
C GLN A 124 -33.76 31.20 -2.91
N GLY A 125 -34.59 31.97 -3.60
CA GLY A 125 -34.59 33.41 -3.48
C GLY A 125 -35.99 33.96 -3.33
N THR A 126 -36.06 35.28 -3.20
CA THR A 126 -37.36 35.93 -3.08
C THR A 126 -38.19 35.77 -4.34
N GLN A 127 -37.57 35.91 -5.51
CA GLN A 127 -38.23 35.71 -6.80
C GLN A 127 -37.55 34.55 -7.52
N LEU A 128 -38.35 33.53 -7.87
CA LEU A 128 -37.88 32.40 -8.66
C LEU A 128 -38.96 31.99 -9.66
N GLU A 129 -39.68 32.96 -10.20
CA GLU A 129 -40.78 32.71 -11.12
C GLU A 129 -40.35 32.81 -12.59
N GLN A 130 -39.07 33.00 -12.86
CA GLN A 130 -38.57 33.13 -14.22
C GLN A 130 -37.84 31.86 -14.62
N ASP A 131 -38.29 31.24 -15.71
CA ASP A 131 -37.75 29.97 -16.17
C ASP A 131 -36.68 30.23 -17.21
N MET A 132 -35.44 29.82 -16.90
CA MET A 132 -34.31 29.92 -17.81
C MET A 132 -34.28 28.70 -18.74
N PRO A 133 -33.95 28.89 -20.02
CA PRO A 133 -33.81 27.74 -20.92
C PRO A 133 -32.73 26.78 -20.45
N VAL A 134 -32.60 25.67 -21.18
CA VAL A 134 -31.65 24.63 -20.81
C VAL A 134 -30.26 25.21 -20.69
N LEU A 135 -29.62 24.98 -19.55
CA LEU A 135 -28.31 25.55 -19.26
C LEU A 135 -27.22 24.69 -19.89
N THR A 136 -26.42 25.29 -20.77
CA THR A 136 -25.25 24.60 -21.29
C THR A 136 -24.05 24.87 -20.36
N HIS A 137 -23.20 23.86 -20.24
CA HIS A 137 -22.07 23.93 -19.33
C HIS A 137 -20.78 23.67 -20.09
N GLN A 138 -19.84 24.59 -20.00
CA GLN A 138 -18.52 24.45 -20.61
C GLN A 138 -17.54 23.99 -19.54
N ILE A 139 -17.04 22.77 -19.68
CA ILE A 139 -16.02 22.22 -18.79
C ILE A 139 -14.71 22.27 -19.56
N MET A 140 -13.98 23.37 -19.40
CA MET A 140 -12.71 23.57 -20.07
C MET A 140 -11.57 23.01 -19.24
N TYR A 141 -10.57 22.43 -19.91
CA TYR A 141 -9.38 21.92 -19.26
C TYR A 141 -8.19 22.76 -19.69
N VAL A 142 -7.58 23.46 -18.74
CA VAL A 142 -6.37 24.24 -18.99
C VAL A 142 -5.17 23.39 -18.61
N PRO A 143 -4.29 23.04 -19.54
CA PRO A 143 -3.09 22.28 -19.19
C PRO A 143 -2.20 23.08 -18.26
N PRO A 144 -1.35 22.42 -17.48
CA PRO A 144 -0.51 23.15 -16.53
C PRO A 144 0.36 24.18 -17.24
N GLY A 145 0.37 25.39 -16.70
CA GLY A 145 1.05 26.50 -17.31
C GLY A 145 0.25 27.23 -18.36
N GLY A 146 -0.96 26.78 -18.68
CA GLY A 146 -1.79 27.42 -19.66
C GLY A 146 -2.50 28.63 -19.11
N PRO A 147 -3.22 29.33 -20.00
CA PRO A 147 -3.95 30.53 -19.59
C PRO A 147 -5.14 30.16 -18.70
N ILE A 148 -5.13 30.68 -17.48
CA ILE A 148 -6.18 30.41 -16.50
C ILE A 148 -7.19 31.56 -16.56
N PRO A 149 -8.47 31.28 -16.83
CA PRO A 149 -9.46 32.36 -16.86
C PRO A 149 -9.65 33.00 -15.49
N ALA A 150 -9.95 34.30 -15.51
CA ALA A 150 -10.29 35.03 -14.30
C ALA A 150 -11.75 35.45 -14.24
N LYS A 151 -12.47 35.41 -15.36
CA LYS A 151 -13.88 35.75 -15.42
C LYS A 151 -14.61 34.69 -16.23
N VAL A 152 -15.94 34.64 -16.05
CA VAL A 152 -16.75 33.68 -16.79
C VAL A 152 -16.84 34.00 -18.27
N ASP A 153 -16.46 35.22 -18.67
CA ASP A 153 -16.49 35.64 -20.08
C ASP A 153 -15.12 36.05 -20.59
N SER A 154 -14.05 35.60 -19.93
CA SER A 154 -12.70 35.99 -20.33
C SER A 154 -12.30 35.28 -21.62
N TYR A 155 -11.20 35.74 -22.21
CA TYR A 155 -10.74 35.19 -23.49
C TYR A 155 -10.29 33.75 -23.35
N GLU A 156 -9.92 33.31 -22.15
CA GLU A 156 -9.48 31.93 -21.95
C GLU A 156 -10.56 30.94 -22.34
N TRP A 157 -11.83 31.30 -22.18
CA TRP A 157 -12.93 30.40 -22.49
C TRP A 157 -13.01 30.09 -23.98
N GLN A 158 -12.36 30.88 -24.83
CA GLN A 158 -12.23 30.55 -26.24
C GLN A 158 -11.31 29.34 -26.37
N THR A 159 -11.88 28.17 -26.65
CA THR A 159 -11.16 26.90 -26.60
C THR A 159 -10.47 26.65 -27.93
N SER A 160 -9.44 27.46 -28.20
CA SER A 160 -8.62 27.22 -29.39
C SER A 160 -7.87 25.90 -29.29
N THR A 161 -7.31 25.61 -28.12
CA THR A 161 -6.59 24.37 -27.86
C THR A 161 -7.07 23.61 -26.65
N ASN A 162 -7.65 24.30 -25.67
CA ASN A 162 -8.12 23.62 -24.46
C ASN A 162 -9.32 22.75 -24.77
N PRO A 163 -9.30 21.47 -24.43
CA PRO A 163 -10.49 20.63 -24.66
C PRO A 163 -11.65 21.07 -23.78
N SER A 164 -12.86 20.94 -24.33
CA SER A 164 -14.07 21.34 -23.61
C SER A 164 -15.25 20.55 -24.15
N VAL A 165 -16.06 19.99 -23.24
CA VAL A 165 -17.20 19.19 -23.66
C VAL A 165 -18.34 20.08 -24.16
N PHE A 166 -18.55 21.22 -23.50
CA PHE A 166 -19.71 22.08 -23.74
C PHE A 166 -21.01 21.32 -23.55
N TRP A 167 -21.11 20.67 -22.39
CA TRP A 167 -22.26 19.82 -22.09
C TRP A 167 -23.51 20.65 -21.82
N THR A 168 -24.64 20.16 -22.30
CA THR A 168 -25.93 20.79 -22.10
C THR A 168 -26.75 19.99 -21.09
N GLU A 169 -27.44 20.70 -20.20
CA GLU A 169 -28.21 20.05 -19.14
C GLU A 169 -29.37 19.25 -19.71
N GLY A 170 -29.72 18.17 -19.02
CA GLY A 170 -30.80 17.31 -19.43
C GLY A 170 -30.43 16.21 -20.38
N ASN A 171 -29.18 16.17 -20.86
CA ASN A 171 -28.70 15.13 -21.74
C ASN A 171 -27.91 14.10 -20.95
N ALA A 172 -27.28 13.18 -21.66
CA ALA A 172 -26.41 12.22 -21.01
C ALA A 172 -25.24 12.94 -20.35
N PRO A 173 -24.80 12.49 -19.18
CA PRO A 173 -23.68 13.15 -18.51
C PRO A 173 -22.44 13.20 -19.39
N ALA A 174 -21.78 14.35 -19.39
CA ALA A 174 -20.60 14.55 -20.22
C ALA A 174 -19.49 13.58 -19.80
N ARG A 175 -18.77 13.09 -20.80
CA ARG A 175 -17.68 12.14 -20.55
C ARG A 175 -16.62 12.31 -21.63
N MET A 176 -15.43 12.75 -21.24
CA MET A 176 -14.30 12.90 -22.14
C MET A 176 -13.13 12.09 -21.57
N SER A 177 -12.80 10.98 -22.22
CA SER A 177 -11.66 10.18 -21.81
C SER A 177 -10.37 10.97 -21.98
N ILE A 178 -9.52 10.92 -20.97
CA ILE A 178 -8.25 11.65 -20.96
C ILE A 178 -7.12 10.63 -21.01
N PRO A 179 -6.14 10.80 -21.89
CA PRO A 179 -4.99 9.87 -21.91
C PRO A 179 -4.08 10.06 -20.72
N PHE A 180 -2.98 9.31 -20.69
CA PHE A 180 -1.97 9.44 -19.64
C PHE A 180 -1.13 10.67 -19.95
N ILE A 181 -1.32 11.73 -19.15
CA ILE A 181 -0.71 13.03 -19.45
C ILE A 181 0.43 13.38 -18.52
N SER A 182 0.81 12.49 -17.60
CA SER A 182 1.88 12.80 -16.67
C SER A 182 3.20 12.96 -17.42
N VAL A 183 4.02 13.91 -16.96
CA VAL A 183 5.32 14.12 -17.58
C VAL A 183 6.22 12.90 -17.37
N GLY A 184 6.11 12.26 -16.22
CA GLY A 184 6.79 11.01 -15.99
C GLY A 184 6.07 9.85 -16.64
N ASN A 185 6.58 8.66 -16.39
CA ASN A 185 6.01 7.44 -16.96
C ASN A 185 4.88 6.86 -16.12
N ALA A 186 4.51 7.52 -15.01
CA ALA A 186 3.39 7.08 -14.20
C ALA A 186 2.89 8.25 -13.36
N TYR A 187 1.64 8.14 -12.92
CA TYR A 187 1.06 9.11 -11.98
C TYR A 187 1.54 8.75 -10.58
N SER A 188 2.41 9.57 -10.01
CA SER A 188 2.91 9.33 -8.67
C SER A 188 1.86 9.79 -7.67
N LEU A 189 1.00 8.86 -7.24
CA LEU A 189 0.01 9.20 -6.22
C LEU A 189 0.70 9.54 -4.91
N PHE A 190 1.77 8.81 -4.58
CA PHE A 190 2.63 9.13 -3.45
C PHE A 190 3.98 9.57 -3.99
N TYR A 191 4.44 10.74 -3.57
CA TYR A 191 5.71 11.30 -4.01
C TYR A 191 6.36 12.03 -2.84
N ASP A 192 7.26 11.36 -2.13
CA ASP A 192 7.96 11.97 -1.01
C ASP A 192 9.13 12.78 -1.57
N GLY A 193 8.78 13.91 -2.16
CA GLY A 193 9.78 14.73 -2.81
C GLY A 193 9.37 16.19 -2.80
N TRP A 194 10.37 17.06 -2.65
CA TRP A 194 10.12 18.49 -2.67
C TRP A 194 10.07 19.01 -4.11
N SER A 195 9.37 20.12 -4.28
CA SER A 195 9.24 20.72 -5.60
C SER A 195 10.59 21.18 -6.14
N HIS A 196 11.39 21.80 -5.29
CA HIS A 196 12.68 22.35 -5.67
C HIS A 196 13.82 21.45 -5.23
N PHE A 197 14.92 21.49 -5.98
CA PHE A 197 16.08 20.65 -5.69
C PHE A 197 16.75 21.03 -4.39
N THR A 198 16.49 22.24 -3.88
CA THR A 198 16.98 22.63 -2.56
C THR A 198 16.24 21.93 -1.44
N GLN A 199 15.30 21.05 -1.76
CA GLN A 199 14.50 20.29 -0.80
C GLN A 199 13.61 21.22 0.00
N ASP A 200 13.28 22.38 -0.57
CA ASP A 200 12.39 23.35 0.03
C ASP A 200 11.29 23.69 -0.96
N GLY A 201 10.03 23.68 -0.50
CA GLY A 201 8.92 24.00 -1.35
C GLY A 201 7.67 23.21 -1.05
N THR A 202 7.13 22.54 -2.06
CA THR A 202 5.92 21.75 -1.93
C THR A 202 6.30 20.28 -1.80
N TYR A 203 5.96 19.68 -0.66
CA TYR A 203 6.27 18.27 -0.41
C TYR A 203 5.02 17.44 -0.58
N GLY A 204 5.14 16.38 -1.37
CA GLY A 204 4.04 15.46 -1.60
C GLY A 204 3.74 15.29 -3.06
N TYR A 205 2.58 14.67 -3.32
CA TYR A 205 2.11 14.48 -4.67
C TYR A 205 1.81 15.80 -5.38
N THR A 206 1.68 16.90 -4.64
CA THR A 206 1.37 18.19 -5.25
C THR A 206 2.44 18.57 -6.28
N THR A 207 3.70 18.21 -6.02
CA THR A 207 4.78 18.51 -6.93
C THR A 207 4.59 17.85 -8.29
N LEU A 208 4.64 16.52 -8.33
CA LEU A 208 4.61 15.83 -9.61
C LEU A 208 3.22 15.78 -10.21
N ASN A 209 2.18 15.65 -9.37
CA ASN A 209 0.81 15.55 -9.86
C ASN A 209 0.20 16.94 -10.03
N ALA A 210 0.80 17.72 -10.92
CA ALA A 210 0.29 19.01 -11.35
C ALA A 210 -0.16 18.84 -12.79
N MET A 211 -1.42 18.41 -12.95
CA MET A 211 -1.96 18.07 -14.26
C MET A 211 -2.89 19.16 -14.81
N GLY A 212 -2.68 20.40 -14.41
CA GLY A 212 -3.49 21.50 -14.92
C GLY A 212 -4.70 21.79 -14.05
N LYS A 213 -5.64 22.51 -14.63
CA LYS A 213 -6.86 22.92 -13.94
C LYS A 213 -8.07 22.65 -14.81
N LEU A 214 -9.22 22.55 -14.15
CA LEU A 214 -10.51 22.34 -14.80
C LEU A 214 -11.43 23.50 -14.41
N PHE A 215 -11.80 24.31 -15.38
CA PHE A 215 -12.70 25.43 -15.16
C PHE A 215 -14.08 25.09 -15.72
N VAL A 216 -15.10 25.12 -14.88
CA VAL A 216 -16.47 24.79 -15.27
C VAL A 216 -17.31 26.05 -15.19
N ARG A 217 -18.03 26.36 -16.28
CA ARG A 217 -18.84 27.56 -16.33
C ARG A 217 -20.14 27.27 -17.04
N HIS A 218 -21.07 28.21 -16.95
CA HIS A 218 -22.31 28.16 -17.73
C HIS A 218 -22.08 28.88 -19.06
N VAL A 219 -22.34 28.18 -20.16
CA VAL A 219 -22.23 28.81 -21.47
C VAL A 219 -23.25 29.93 -21.62
N ASN A 220 -24.40 29.80 -20.93
CA ASN A 220 -25.39 30.87 -20.92
C ASN A 220 -24.81 32.11 -20.24
N LYS A 221 -25.04 33.28 -20.87
CA LYS A 221 -24.42 34.50 -20.38
C LYS A 221 -24.91 34.87 -18.99
N SER A 222 -26.23 34.81 -18.76
CA SER A 222 -26.80 35.18 -17.48
C SER A 222 -28.19 34.57 -17.36
N SER A 223 -28.73 34.60 -16.16
CA SER A 223 -30.07 34.15 -15.86
C SER A 223 -30.82 35.20 -15.07
N PRO A 224 -32.14 35.26 -15.18
CA PRO A 224 -32.90 36.23 -14.39
C PRO A 224 -32.74 36.05 -12.89
N HIS A 225 -32.56 34.81 -12.44
CA HIS A 225 -32.38 34.50 -11.04
C HIS A 225 -31.15 33.62 -10.87
N GLN A 226 -30.55 33.68 -9.69
CA GLN A 226 -29.31 32.96 -9.42
C GLN A 226 -29.54 31.46 -9.51
N ILE A 227 -28.70 30.78 -10.31
CA ILE A 227 -28.73 29.34 -10.45
C ILE A 227 -27.31 28.83 -10.20
N THR A 228 -27.15 28.00 -9.18
CA THR A 228 -25.84 27.49 -8.76
C THR A 228 -25.77 26.01 -9.09
N SER A 229 -25.29 25.70 -10.30
CA SER A 229 -25.13 24.31 -10.70
C SER A 229 -23.92 23.70 -10.01
N THR A 230 -24.08 22.45 -9.57
CA THR A 230 -23.01 21.72 -8.90
C THR A 230 -22.34 20.80 -9.90
N ILE A 231 -21.03 21.01 -10.11
CA ILE A 231 -20.24 20.17 -10.97
C ILE A 231 -19.67 19.03 -10.14
N ARG A 232 -20.08 17.80 -10.46
CA ARG A 232 -19.64 16.61 -9.75
C ARG A 232 -18.80 15.80 -10.72
N VAL A 233 -17.48 15.97 -10.65
CA VAL A 233 -16.57 15.31 -11.56
C VAL A 233 -16.30 13.90 -11.04
N TYR A 234 -16.55 12.90 -11.88
CA TYR A 234 -16.32 11.50 -11.53
C TYR A 234 -15.17 10.99 -12.39
N PHE A 235 -14.13 10.46 -11.75
CA PHE A 235 -12.94 9.98 -12.42
C PHE A 235 -12.99 8.46 -12.49
N LYS A 236 -13.01 7.92 -13.70
CA LYS A 236 -12.92 6.48 -13.89
C LYS A 236 -11.57 6.14 -14.49
N PRO A 237 -10.62 5.63 -13.71
CA PRO A 237 -9.36 5.17 -14.32
C PRO A 237 -9.58 3.91 -15.14
N LYS A 238 -9.00 3.90 -16.34
CA LYS A 238 -9.02 2.72 -17.19
C LYS A 238 -7.64 2.59 -17.84
N HIS A 239 -7.34 1.37 -18.29
CA HIS A 239 -6.00 1.01 -18.76
C HIS A 239 -4.95 1.30 -17.68
N ILE A 240 -5.31 0.98 -16.43
CA ILE A 240 -4.45 1.31 -15.30
C ILE A 240 -3.23 0.40 -15.28
N LYS A 241 -2.08 0.97 -14.89
CA LYS A 241 -0.87 0.20 -14.66
C LYS A 241 -0.38 0.56 -13.25
N ALA A 242 -0.94 -0.13 -12.25
CA ALA A 242 -0.43 0.01 -10.89
C ALA A 242 0.94 -0.65 -10.79
N TRP A 243 1.86 0.02 -10.09
CA TRP A 243 3.25 -0.40 -10.16
C TRP A 243 3.91 -0.58 -8.79
N VAL A 244 3.43 0.12 -7.77
CA VAL A 244 3.97 -0.07 -6.42
C VAL A 244 2.82 -0.03 -5.42
N PRO A 245 2.39 -1.18 -4.90
CA PRO A 245 1.22 -1.20 -4.03
C PRO A 245 1.50 -0.55 -2.68
N ARG A 246 0.46 0.08 -2.12
CA ARG A 246 0.51 0.71 -0.82
C ARG A 246 -0.71 0.31 -0.01
N PRO A 247 -0.63 0.34 1.33
CA PRO A 247 -1.81 0.06 2.14
C PRO A 247 -2.79 1.20 2.07
N PRO A 248 -4.06 0.94 2.33
CA PRO A 248 -5.02 2.05 2.48
C PRO A 248 -4.65 2.91 3.67
N ARG A 249 -4.94 4.21 3.55
CA ARG A 249 -4.64 5.15 4.62
C ARG A 249 -5.72 5.01 5.70
N LEU A 250 -5.34 4.46 6.85
CA LEU A 250 -6.29 4.28 7.94
C LEU A 250 -6.80 5.62 8.45
N CYS A 251 -5.91 6.60 8.58
CA CYS A 251 -6.30 7.90 9.09
C CYS A 251 -7.20 8.63 8.08
N PRO A 252 -8.16 9.39 8.56
CA PRO A 252 -8.97 10.20 7.63
C PRO A 252 -8.12 11.26 6.95
N TYR A 253 -8.47 11.53 5.70
CA TYR A 253 -7.75 12.54 4.92
C TYR A 253 -8.07 13.93 5.45
N ILE A 254 -7.04 14.74 5.65
CA ILE A 254 -7.18 16.09 6.18
C ILE A 254 -6.89 17.14 5.10
N ASN A 255 -5.79 16.98 4.39
CA ASN A 255 -5.39 17.92 3.35
C ASN A 255 -5.44 17.24 1.99
N LYS A 256 -5.89 17.97 0.98
CA LYS A 256 -5.96 17.48 -0.38
C LYS A 256 -4.68 17.75 -1.18
N GLY A 257 -3.70 18.42 -0.56
CA GLY A 257 -2.45 18.69 -1.23
C GLY A 257 -1.27 18.02 -0.56
N ASP A 258 -1.53 17.32 0.55
CA ASP A 258 -0.47 16.65 1.28
C ASP A 258 -1.07 15.42 1.98
N VAL A 259 -0.19 14.50 2.36
CA VAL A 259 -0.60 13.29 3.08
C VAL A 259 -0.80 13.54 4.56
N ASN A 260 -0.67 14.79 5.03
CA ASN A 260 -0.78 15.13 6.44
C ASN A 260 -2.06 14.53 7.04
N PHE A 261 -1.91 13.96 8.22
CA PHE A 261 -2.97 13.15 8.81
C PHE A 261 -2.99 13.33 10.32
N VAL A 262 -4.15 13.06 10.90
CA VAL A 262 -4.29 12.94 12.35
C VAL A 262 -4.16 11.48 12.72
N VAL A 263 -3.48 11.21 13.85
CA VAL A 263 -3.21 9.83 14.23
C VAL A 263 -4.52 9.07 14.45
N THR A 264 -4.53 7.82 14.02
CA THR A 264 -5.72 6.98 14.12
C THR A 264 -5.28 5.58 14.58
N GLU A 265 -6.20 4.89 15.26
CA GLU A 265 -5.92 3.55 15.75
C GLU A 265 -5.63 2.61 14.58
N VAL A 266 -4.81 1.60 14.85
CA VAL A 266 -4.49 0.59 13.84
C VAL A 266 -5.77 -0.11 13.39
N THR A 267 -6.67 -0.40 14.32
CA THR A 267 -7.92 -1.08 14.00
C THR A 267 -8.98 -0.68 15.01
N ASP A 268 -10.18 -1.23 14.84
CA ASP A 268 -11.22 -0.99 15.87
C ASP A 268 -10.80 -1.77 17.12
N ALA A 269 -10.61 -1.10 18.24
CA ALA A 269 -10.17 -1.77 19.47
C ALA A 269 -11.24 -2.76 19.94
N ARG A 270 -10.83 -3.94 20.40
CA ARG A 270 -11.82 -4.89 20.98
C ARG A 270 -11.55 -5.00 22.48
N LYS A 271 -12.53 -5.47 23.27
CA LYS A 271 -12.35 -5.44 24.72
C LYS A 271 -11.08 -6.16 25.17
N SER A 272 -10.74 -7.27 24.52
CA SER A 272 -9.60 -8.05 24.97
C SER A 272 -8.98 -8.77 23.77
N ILE A 273 -7.74 -9.24 23.97
CA ILE A 273 -7.03 -10.01 22.96
C ILE A 273 -7.76 -11.32 22.71
N THR A 274 -8.57 -11.74 23.68
CA THR A 274 -9.37 -12.95 23.57
C THR A 274 -10.84 -12.64 23.33
N ASP A 275 -11.19 -11.38 23.11
CA ASP A 275 -12.58 -10.97 22.95
C ASP A 275 -13.06 -11.32 21.54
N THR A 276 -13.84 -12.38 21.43
CA THR A 276 -14.45 -12.78 20.17
C THR A 276 -15.96 -12.60 20.25
N PRO A 277 -16.53 -11.59 19.59
CA PRO A 277 -17.99 -11.41 19.64
C PRO A 277 -18.72 -12.60 19.05
N HIS A 278 -19.89 -12.88 19.62
CA HIS A 278 -20.74 -13.99 19.19
C HIS A 278 -20.01 -15.34 19.30
N SER B 10 23.66 -23.15 3.20
CA SER B 10 22.41 -22.82 3.87
C SER B 10 21.95 -21.42 3.47
N ASP B 11 20.65 -21.16 3.62
CA ASP B 11 20.10 -19.84 3.31
C ASP B 11 20.47 -18.80 4.35
N ARG B 12 20.81 -19.23 5.57
CA ARG B 12 21.11 -18.28 6.64
C ARG B 12 22.39 -17.51 6.37
N VAL B 13 23.39 -18.16 5.79
CA VAL B 13 24.65 -17.49 5.46
C VAL B 13 24.47 -16.70 4.16
N ARG B 14 25.07 -15.52 4.11
CA ARG B 14 24.95 -14.66 2.93
C ARG B 14 26.24 -13.87 2.77
N SER B 15 26.52 -13.47 1.53
CA SER B 15 27.71 -12.69 1.22
C SER B 15 27.42 -11.82 0.00
N MET B 16 27.49 -10.50 0.18
CA MET B 16 27.25 -9.54 -0.88
C MET B 16 28.50 -8.70 -1.07
N THR B 17 29.05 -8.71 -2.28
CA THR B 17 30.32 -8.07 -2.58
C THR B 17 30.14 -6.92 -3.57
N LEU B 18 29.09 -6.12 -3.39
CA LEU B 18 28.86 -4.97 -4.25
C LEU B 18 29.94 -3.93 -4.02
N GLY B 19 30.76 -3.65 -5.04
CA GLY B 19 31.80 -2.67 -4.92
C GLY B 19 32.95 -3.13 -4.03
N ASN B 20 33.71 -2.13 -3.55
CA ASN B 20 34.85 -2.42 -2.70
C ASN B 20 34.42 -3.07 -1.39
N SER B 21 33.37 -2.53 -0.76
CA SER B 21 32.91 -3.04 0.52
C SER B 21 32.11 -4.32 0.34
N THR B 22 32.30 -5.26 1.26
CA THR B 22 31.59 -6.53 1.24
C THR B 22 30.93 -6.77 2.59
N ILE B 23 29.79 -7.46 2.57
CA ILE B 23 29.02 -7.79 3.76
C ILE B 23 28.87 -9.29 3.83
N THR B 24 29.34 -9.89 4.93
CA THR B 24 29.23 -11.31 5.17
C THR B 24 28.40 -11.54 6.43
N THR B 25 27.39 -12.40 6.35
CA THR B 25 26.50 -12.67 7.46
C THR B 25 26.31 -14.17 7.62
N GLN B 26 26.15 -14.59 8.88
CA GLN B 26 25.98 -16.01 9.20
C GLN B 26 24.54 -16.38 9.50
N GLU B 27 23.71 -15.44 9.98
CA GLU B 27 22.29 -15.66 10.21
C GLU B 27 21.53 -14.54 9.50
N SER B 28 21.27 -14.76 8.20
CA SER B 28 20.57 -13.77 7.39
C SER B 28 19.66 -14.53 6.43
N ALA B 29 18.37 -14.25 6.51
CA ALA B 29 17.41 -14.90 5.63
C ALA B 29 17.62 -14.44 4.19
N ASN B 30 16.80 -14.99 3.28
CA ASN B 30 16.93 -14.66 1.87
C ASN B 30 16.70 -13.17 1.65
N VAL B 31 17.48 -12.60 0.73
CA VAL B 31 17.44 -11.16 0.48
C VAL B 31 16.19 -10.83 -0.31
N VAL B 32 15.52 -9.75 0.07
CA VAL B 32 14.22 -9.39 -0.53
C VAL B 32 14.54 -8.49 -1.72
N VAL B 33 14.58 -9.11 -2.91
CA VAL B 33 14.64 -8.32 -4.12
C VAL B 33 13.40 -7.44 -4.20
N GLY B 34 13.61 -6.14 -4.36
CA GLY B 34 12.49 -5.21 -4.30
C GLY B 34 11.47 -5.52 -5.38
N TYR B 35 10.30 -6.00 -4.95
CA TYR B 35 9.17 -6.31 -5.83
C TYR B 35 9.51 -7.36 -6.88
N GLY B 36 10.50 -8.20 -6.60
CA GLY B 36 10.83 -9.32 -7.46
C GLY B 36 11.65 -8.99 -8.69
N GLU B 37 12.01 -7.73 -8.89
CA GLU B 37 12.81 -7.32 -10.05
C GLU B 37 14.18 -6.85 -9.60
N TRP B 38 15.22 -7.45 -10.14
CA TRP B 38 16.58 -7.07 -9.78
C TRP B 38 16.93 -5.73 -10.41
N PRO B 39 17.64 -4.86 -9.69
CA PRO B 39 18.02 -3.56 -10.27
C PRO B 39 18.96 -3.73 -11.45
N SER B 40 18.87 -2.79 -12.38
CA SER B 40 19.73 -2.78 -13.57
C SER B 40 19.83 -1.36 -14.09
N TYR B 41 20.82 -1.15 -14.96
CA TYR B 41 20.98 0.14 -15.60
C TYR B 41 19.78 0.46 -16.47
N LEU B 42 19.48 1.75 -16.60
CA LEU B 42 18.33 2.18 -17.39
C LEU B 42 18.53 1.83 -18.86
N SER B 43 17.59 1.06 -19.41
CA SER B 43 17.68 0.64 -20.80
C SER B 43 17.38 1.80 -21.73
N ASP B 44 17.87 1.68 -22.97
CA ASP B 44 17.63 2.71 -23.97
C ASP B 44 16.15 2.85 -24.30
N LYS B 45 15.40 1.74 -24.20
CA LYS B 45 13.96 1.80 -24.45
C LYS B 45 13.25 2.67 -23.42
N GLU B 46 13.67 2.58 -22.15
CA GLU B 46 13.00 3.24 -21.05
C GLU B 46 13.71 4.53 -20.62
N ALA B 47 14.65 5.03 -21.42
CA ALA B 47 15.41 6.21 -21.08
C ALA B 47 14.83 7.45 -21.74
N THR B 48 14.68 8.52 -20.96
CA THR B 48 14.17 9.78 -21.46
C THR B 48 15.21 10.89 -21.46
N ALA B 49 16.35 10.70 -20.81
CA ALA B 49 17.42 11.69 -20.79
C ALA B 49 18.47 11.32 -21.83
N GLU B 50 18.86 12.29 -22.64
CA GLU B 50 19.78 12.07 -23.75
C GLU B 50 21.23 12.28 -23.37
N ASP B 51 21.51 12.60 -22.10
CA ASP B 51 22.88 12.75 -21.65
C ASP B 51 23.55 11.38 -21.52
N GLN B 52 24.87 11.39 -21.64
CA GLN B 52 25.63 10.14 -21.49
C GLN B 52 25.64 9.73 -20.03
N PRO B 53 25.15 8.54 -19.69
CA PRO B 53 25.01 8.18 -18.27
C PRO B 53 26.37 7.87 -17.64
N THR B 54 26.63 8.50 -16.49
CA THR B 54 27.80 8.17 -15.69
C THR B 54 27.48 6.94 -14.84
N GLN B 55 28.22 5.86 -15.05
CA GLN B 55 27.93 4.57 -14.43
C GLN B 55 29.18 4.06 -13.72
N PRO B 56 29.47 4.55 -12.52
CA PRO B 56 30.57 3.98 -11.73
C PRO B 56 30.21 2.60 -11.20
N ASP B 57 30.86 1.56 -11.73
CA ASP B 57 30.50 0.20 -11.36
C ASP B 57 30.87 -0.10 -9.91
N VAL B 58 32.00 0.42 -9.43
CA VAL B 58 32.42 0.18 -8.05
C VAL B 58 32.66 1.45 -7.26
N ALA B 59 32.83 2.61 -7.91
CA ALA B 59 33.07 3.85 -7.17
C ALA B 59 31.85 4.25 -6.35
N THR B 60 30.65 4.10 -6.92
CA THR B 60 29.42 4.44 -6.22
C THR B 60 28.60 3.23 -5.82
N CYS B 61 28.72 2.11 -6.54
CA CYS B 61 27.93 0.92 -6.25
C CYS B 61 28.66 0.04 -5.24
N ARG B 62 28.75 0.56 -4.02
CA ARG B 62 29.41 -0.13 -2.91
C ARG B 62 28.57 0.02 -1.65
N PHE B 63 28.84 -0.84 -0.68
CA PHE B 63 28.12 -0.82 0.59
C PHE B 63 28.58 0.36 1.44
N TYR B 64 27.66 1.27 1.74
CA TYR B 64 27.94 2.40 2.62
C TYR B 64 27.31 2.11 3.98
N THR B 65 28.14 2.07 5.02
CA THR B 65 27.68 1.81 6.38
C THR B 65 27.27 3.13 7.02
N LEU B 66 25.98 3.29 7.27
CA LEU B 66 25.45 4.52 7.85
C LEU B 66 25.64 4.51 9.36
N GLU B 67 25.15 5.56 10.02
CA GLU B 67 25.26 5.66 11.47
C GLU B 67 24.43 4.58 12.13
N SER B 68 25.03 3.88 13.08
CA SER B 68 24.34 2.83 13.82
C SER B 68 23.55 3.45 14.97
N VAL B 69 22.27 3.09 15.06
CA VAL B 69 21.37 3.62 16.08
C VAL B 69 21.07 2.51 17.08
N GLN B 70 21.17 2.84 18.36
CA GLN B 70 20.91 1.86 19.41
C GLN B 70 19.43 1.50 19.46
N TRP B 71 19.13 0.21 19.31
CA TRP B 71 17.75 -0.28 19.44
C TRP B 71 17.44 -0.38 20.93
N GLU B 72 16.85 0.66 21.48
CA GLU B 72 16.44 0.65 22.87
C GLU B 72 15.16 -0.17 23.04
N LYS B 73 14.85 -0.49 24.30
CA LYS B 73 13.59 -1.17 24.59
C LYS B 73 12.39 -0.32 24.17
N SER B 74 12.49 0.99 24.38
CA SER B 74 11.39 1.91 24.09
C SER B 74 11.44 2.48 22.68
N SER B 75 12.40 2.07 21.86
CA SER B 75 12.54 2.61 20.51
C SER B 75 11.35 2.17 19.66
N PRO B 76 10.56 3.10 19.12
CA PRO B 76 9.40 2.70 18.31
C PRO B 76 9.75 2.43 16.86
N GLY B 77 10.80 3.07 16.36
CA GLY B 77 11.22 2.85 14.99
C GLY B 77 12.13 3.95 14.51
N TRP B 78 12.75 3.70 13.36
CA TRP B 78 13.60 4.68 12.71
C TRP B 78 13.31 4.67 11.22
N TRP B 79 13.62 5.77 10.55
CA TRP B 79 13.53 5.81 9.10
C TRP B 79 14.72 6.56 8.51
N TRP B 80 15.18 6.04 7.38
CA TRP B 80 16.20 6.67 6.53
C TRP B 80 15.53 7.02 5.20
N LYS B 81 15.80 8.21 4.68
CA LYS B 81 15.22 8.64 3.42
C LYS B 81 16.29 8.56 2.33
N PHE B 82 16.19 7.53 1.48
CA PHE B 82 17.18 7.33 0.43
C PHE B 82 16.65 7.85 -0.91
N PRO B 83 17.54 8.38 -1.76
CA PRO B 83 19.00 8.42 -1.65
C PRO B 83 19.53 9.64 -0.89
N GLU B 84 18.68 10.50 -0.35
CA GLU B 84 19.16 11.68 0.36
C GLU B 84 19.89 11.31 1.65
N ALA B 85 19.61 10.13 2.21
CA ALA B 85 20.36 9.69 3.38
C ALA B 85 21.80 9.35 3.03
N LEU B 86 22.09 9.18 1.73
CA LEU B 86 23.43 8.85 1.27
C LEU B 86 24.25 10.09 0.89
N LYS B 87 23.76 11.29 1.21
CA LYS B 87 24.57 12.49 1.02
C LYS B 87 25.80 12.43 1.92
N ASN B 88 26.89 13.00 1.43
CA ASN B 88 28.17 13.01 2.13
C ASN B 88 28.65 11.60 2.44
N MET B 89 28.28 10.64 1.59
CA MET B 89 28.68 9.24 1.74
C MET B 89 29.36 8.81 0.44
N GLY B 90 30.65 9.13 0.33
CA GLY B 90 31.45 8.64 -0.77
C GLY B 90 31.06 9.21 -2.12
N LEU B 91 31.52 8.52 -3.17
CA LEU B 91 31.30 8.97 -4.53
C LEU B 91 29.85 8.83 -4.98
N PHE B 92 29.04 8.03 -4.30
CA PHE B 92 27.60 8.07 -4.58
C PHE B 92 27.02 9.43 -4.23
N GLY B 93 27.36 9.94 -3.05
CA GLY B 93 26.93 11.27 -2.68
C GLY B 93 27.55 12.35 -3.56
N GLN B 94 28.82 12.16 -3.93
CA GLN B 94 29.46 13.13 -4.83
C GLN B 94 28.76 13.17 -6.18
N ASN B 95 28.40 12.02 -6.73
CA ASN B 95 27.69 11.97 -8.00
C ASN B 95 26.28 12.53 -7.86
N MET B 96 25.63 12.29 -6.72
CA MET B 96 24.37 12.96 -6.44
C MET B 96 24.53 14.46 -6.54
N HIS B 97 25.56 15.01 -5.89
CA HIS B 97 25.77 16.46 -5.91
C HIS B 97 26.09 16.97 -7.31
N TYR B 98 26.85 16.21 -8.09
CA TYR B 98 27.32 16.66 -9.39
C TYR B 98 26.46 16.17 -10.56
N HIS B 99 25.22 15.74 -10.30
CA HIS B 99 24.36 15.28 -11.37
C HIS B 99 22.92 15.71 -11.11
N TYR B 100 22.23 16.10 -12.20
CA TYR B 100 20.84 16.52 -12.10
C TYR B 100 19.91 15.34 -11.92
N LEU B 101 20.14 14.24 -12.65
CA LEU B 101 19.29 13.06 -12.58
C LEU B 101 20.12 11.85 -12.16
N GLY B 102 19.56 11.01 -11.30
CA GLY B 102 20.23 9.81 -10.84
C GLY B 102 19.29 8.65 -10.60
N ARG B 103 19.73 7.45 -10.98
CA ARG B 103 18.99 6.22 -10.77
C ARG B 103 19.88 5.20 -10.09
N ALA B 104 19.32 4.48 -9.12
CA ALA B 104 20.10 3.48 -8.41
C ALA B 104 19.16 2.44 -7.80
N GLY B 105 19.59 1.18 -7.81
CA GLY B 105 18.90 0.13 -7.12
C GLY B 105 19.66 -0.22 -5.86
N TYR B 106 19.03 0.01 -4.72
CA TYR B 106 19.70 -0.06 -3.44
C TYR B 106 19.45 -1.41 -2.79
N THR B 107 20.53 -2.15 -2.49
CA THR B 107 20.42 -3.38 -1.72
C THR B 107 20.78 -3.07 -0.27
N ILE B 108 19.82 -2.47 0.43
CA ILE B 108 20.03 -2.11 1.82
C ILE B 108 20.29 -3.37 2.63
N HIS B 109 21.22 -3.28 3.58
CA HIS B 109 21.52 -4.38 4.48
C HIS B 109 21.57 -3.84 5.90
N VAL B 110 20.55 -4.14 6.69
CA VAL B 110 20.44 -3.67 8.06
C VAL B 110 20.98 -4.74 8.98
N GLN B 111 22.00 -4.39 9.76
CA GLN B 111 22.68 -5.33 10.64
C GLN B 111 22.25 -5.08 12.08
N CYS B 112 21.66 -6.09 12.72
CA CYS B 112 21.24 -6.01 14.10
C CYS B 112 21.78 -7.25 14.82
N ASN B 113 23.02 -7.18 15.30
CA ASN B 113 23.66 -8.30 15.97
C ASN B 113 23.12 -8.39 17.39
N ALA B 114 22.40 -9.47 17.69
CA ALA B 114 21.87 -9.71 19.01
C ALA B 114 22.11 -11.16 19.40
N SER B 115 22.22 -11.41 20.71
CA SER B 115 22.49 -12.75 21.20
C SER B 115 21.25 -13.61 21.08
N LYS B 116 21.38 -14.87 21.51
CA LYS B 116 20.26 -15.80 21.51
C LYS B 116 19.29 -15.55 22.64
N PHE B 117 19.61 -14.66 23.57
CA PHE B 117 18.74 -14.32 24.69
C PHE B 117 18.01 -13.00 24.48
N HIS B 118 18.07 -12.43 23.29
CA HIS B 118 17.44 -11.15 22.99
C HIS B 118 16.12 -11.37 22.27
N GLN B 119 15.09 -10.70 22.75
CA GLN B 119 13.75 -10.76 22.16
C GLN B 119 13.47 -9.48 21.42
N GLY B 120 13.07 -9.59 20.17
CA GLY B 120 12.74 -8.42 19.38
C GLY B 120 12.57 -8.79 17.92
N CYS B 121 11.95 -7.88 17.19
CA CYS B 121 11.71 -8.09 15.77
C CYS B 121 11.57 -6.74 15.07
N LEU B 122 12.33 -6.56 13.99
CA LEU B 122 12.32 -5.33 13.21
C LEU B 122 11.73 -5.60 11.84
N LEU B 123 10.68 -4.86 11.49
CA LEU B 123 10.22 -4.78 10.11
C LEU B 123 11.12 -3.79 9.39
N VAL B 124 12.12 -4.30 8.67
CA VAL B 124 12.96 -3.47 7.82
C VAL B 124 12.27 -3.46 6.45
N VAL B 125 11.59 -2.36 6.14
CA VAL B 125 10.77 -2.28 4.93
C VAL B 125 11.20 -1.08 4.12
N CYS B 126 11.45 -1.29 2.83
CA CYS B 126 11.73 -0.20 1.91
C CYS B 126 10.40 0.23 1.29
N VAL B 127 9.88 1.37 1.76
CA VAL B 127 8.62 1.92 1.27
C VAL B 127 8.96 2.88 0.13
N PRO B 128 8.61 2.56 -1.12
CA PRO B 128 8.82 3.52 -2.20
C PRO B 128 7.88 4.71 -2.06
N GLU B 129 8.46 5.91 -2.09
CA GLU B 129 7.72 7.16 -2.02
C GLU B 129 6.83 7.21 -0.79
N ALA B 130 7.47 7.07 0.38
CA ALA B 130 6.75 7.15 1.65
C ALA B 130 6.56 8.63 2.00
N GLU B 131 5.51 9.21 1.43
CA GLU B 131 5.17 10.59 1.72
C GLU B 131 4.81 10.73 3.20
N MET B 132 5.62 11.49 3.94
CA MET B 132 5.43 11.61 5.36
C MET B 132 4.42 12.71 5.70
N GLY B 133 3.61 12.47 6.72
CA GLY B 133 2.62 13.43 7.16
C GLY B 133 3.18 14.36 8.21
N CYS B 134 2.76 15.63 8.15
CA CYS B 134 3.20 16.62 9.11
C CYS B 134 2.52 16.39 10.45
N ALA B 135 3.24 16.74 11.52
CA ALA B 135 2.68 16.58 12.87
C ALA B 135 1.43 17.42 13.05
N ASP B 136 1.48 18.67 12.60
CA ASP B 136 0.29 19.50 12.46
C ASP B 136 -0.14 19.49 11.01
N THR B 137 -1.37 19.01 10.75
CA THR B 137 -1.80 18.77 9.39
C THR B 137 -1.83 20.06 8.56
N SER B 138 -2.11 21.20 9.21
CA SER B 138 -2.24 22.46 8.48
C SER B 138 -0.93 22.85 7.82
N THR B 139 0.19 22.74 8.53
CA THR B 139 1.48 23.20 8.01
C THR B 139 2.25 22.04 7.39
N THR B 140 3.42 22.37 6.85
CA THR B 140 4.33 21.40 6.26
C THR B 140 5.67 21.47 6.97
N PHE B 141 6.22 20.31 7.31
CA PHE B 141 7.48 20.25 8.02
C PHE B 141 8.64 20.67 7.12
N PRO B 142 9.73 21.17 7.71
CA PRO B 142 10.93 21.48 6.92
C PRO B 142 11.61 20.20 6.44
N ALA B 143 12.63 20.39 5.61
CA ALA B 143 13.36 19.25 5.06
C ALA B 143 14.15 18.51 6.13
N THR B 144 14.65 19.22 7.14
CA THR B 144 15.46 18.58 8.18
C THR B 144 14.68 17.51 8.93
N GLU B 145 13.37 17.68 9.05
CA GLU B 145 12.56 16.78 9.87
C GLU B 145 12.50 15.37 9.27
N LEU B 146 12.48 15.26 7.95
CA LEU B 146 12.39 13.95 7.33
C LEU B 146 13.70 13.46 6.72
N THR B 147 14.56 14.39 6.30
CA THR B 147 15.84 14.00 5.71
C THR B 147 16.72 13.27 6.72
N THR B 148 17.49 12.32 6.22
CA THR B 148 18.27 11.40 7.05
C THR B 148 19.74 11.45 6.65
N GLU B 149 20.26 12.67 6.52
CA GLU B 149 21.64 12.84 6.07
C GLU B 149 22.63 12.19 7.04
N GLU B 150 22.43 12.41 8.34
CA GLU B 150 23.37 11.92 9.34
C GLU B 150 22.76 10.86 10.25
N GLU B 151 21.62 11.15 10.90
CA GLU B 151 21.04 10.23 11.87
C GLU B 151 19.65 9.78 11.43
N PRO B 152 19.27 8.55 11.74
CA PRO B 152 17.90 8.10 11.43
C PRO B 152 16.87 8.95 12.17
N HIS B 153 15.76 9.22 11.50
CA HIS B 153 14.69 9.97 12.16
C HIS B 153 13.75 9.00 12.86
N VAL B 154 13.61 9.16 14.17
CA VAL B 154 12.92 8.17 14.98
C VAL B 154 11.41 8.39 14.92
N PHE B 155 10.68 7.29 14.70
CA PHE B 155 9.22 7.28 14.87
C PHE B 155 8.91 7.37 16.35
N THR B 156 8.00 8.25 16.73
CA THR B 156 7.59 8.36 18.11
C THR B 156 6.54 7.30 18.43
N SER B 157 6.53 6.88 19.70
CA SER B 157 5.56 5.87 20.12
C SER B 157 4.14 6.41 20.08
N ASP B 158 3.97 7.70 20.34
CA ASP B 158 2.66 8.35 20.31
C ASP B 158 2.70 9.53 19.35
N SER B 159 1.61 10.30 19.33
CA SER B 159 1.49 11.44 18.44
C SER B 159 2.30 12.63 18.94
N ILE B 160 2.95 13.33 18.01
CA ILE B 160 3.68 14.54 18.32
C ILE B 160 3.05 15.72 17.57
N THR B 161 3.42 16.92 17.98
CA THR B 161 2.89 18.15 17.40
C THR B 161 4.02 19.11 17.09
N GLY B 162 3.78 20.00 16.14
CA GLY B 162 4.75 20.98 15.70
C GLY B 162 5.08 20.82 14.23
N LYS B 163 5.92 21.72 13.75
CA LYS B 163 6.36 21.68 12.35
C LYS B 163 7.40 20.58 12.19
N LYS B 164 6.92 19.34 12.33
CA LYS B 164 7.77 18.16 12.19
C LYS B 164 6.99 17.13 11.38
N VAL B 165 7.54 15.92 11.32
CA VAL B 165 6.91 14.80 10.64
C VAL B 165 6.11 14.01 11.67
N GLN B 166 4.86 13.67 11.33
CA GLN B 166 4.10 12.77 12.19
C GLN B 166 4.87 11.47 12.34
N ALA B 167 5.35 11.22 13.55
CA ALA B 167 6.23 10.08 13.80
C ALA B 167 5.51 8.96 14.54
N ALA B 168 4.18 8.99 14.56
CA ALA B 168 3.41 7.91 15.15
C ALA B 168 3.76 6.59 14.47
N VAL B 169 4.31 5.66 15.24
CA VAL B 169 4.78 4.40 14.68
C VAL B 169 3.60 3.58 14.16
N CYS B 170 2.45 3.66 14.82
CA CYS B 170 1.29 2.91 14.38
C CYS B 170 0.84 3.31 12.98
N ASN B 171 0.97 4.59 12.64
CA ASN B 171 0.61 5.10 11.33
C ASN B 171 1.80 5.22 10.39
N ALA B 172 2.99 4.80 10.82
CA ALA B 172 4.20 4.75 10.02
C ALA B 172 4.59 6.10 9.43
N GLY B 173 4.00 7.19 9.91
CA GLY B 173 4.29 8.51 9.40
C GLY B 173 3.66 8.85 8.07
N MET B 174 2.96 7.90 7.44
CA MET B 174 2.31 8.12 6.15
C MET B 174 0.81 7.87 6.22
N GLY B 175 0.24 7.89 7.42
CA GLY B 175 -1.17 7.59 7.60
C GLY B 175 -1.53 6.17 7.24
N VAL B 176 -0.55 5.28 7.18
CA VAL B 176 -0.73 3.92 6.68
C VAL B 176 -0.47 2.95 7.82
N GLY B 177 -1.27 1.89 7.89
CA GLY B 177 -1.08 0.88 8.90
C GLY B 177 0.32 0.27 8.81
N VAL B 178 1.08 0.38 9.91
CA VAL B 178 2.46 -0.08 9.89
C VAL B 178 2.52 -1.59 9.70
N GLY B 179 1.55 -2.32 10.27
CA GLY B 179 1.51 -3.76 10.05
C GLY B 179 1.29 -4.13 8.59
N ASN B 180 0.66 -3.24 7.83
CA ASN B 180 0.49 -3.43 6.40
C ASN B 180 1.70 -2.98 5.59
N LEU B 181 2.71 -2.40 6.24
CA LEU B 181 3.91 -1.97 5.53
C LEU B 181 4.63 -3.12 4.84
N THR B 182 4.35 -4.35 5.23
CA THR B 182 4.90 -5.51 4.53
C THR B 182 4.46 -5.58 3.08
N ILE B 183 3.51 -4.75 2.66
CA ILE B 183 3.13 -4.70 1.25
C ILE B 183 4.30 -4.23 0.40
N PHE B 184 5.13 -3.33 0.93
CA PHE B 184 6.35 -2.90 0.28
C PHE B 184 7.42 -3.96 0.51
N PRO B 185 8.51 -3.93 -0.28
CA PRO B 185 9.59 -4.91 -0.05
C PRO B 185 10.07 -4.88 1.39
N HIS B 186 9.80 -5.96 2.12
CA HIS B 186 10.00 -6.00 3.56
C HIS B 186 10.78 -7.26 3.93
N GLN B 187 11.66 -7.13 4.93
CA GLN B 187 12.35 -8.26 5.52
C GLN B 187 12.33 -8.08 7.03
N TRP B 188 12.18 -9.18 7.75
CA TRP B 188 12.09 -9.13 9.21
C TRP B 188 13.40 -9.57 9.84
N ILE B 189 13.93 -8.71 10.71
CA ILE B 189 15.05 -9.07 11.56
C ILE B 189 14.46 -9.54 12.88
N ASN B 190 14.19 -10.84 12.98
CA ASN B 190 13.77 -11.42 14.24
C ASN B 190 15.00 -12.00 14.93
N LEU B 191 15.34 -11.46 16.09
CA LEU B 191 16.53 -11.89 16.80
C LEU B 191 16.48 -13.36 17.18
N ARG B 192 15.30 -13.97 17.16
CA ARG B 192 15.21 -15.42 17.26
C ARG B 192 15.94 -16.10 16.11
N THR B 193 15.75 -15.61 14.89
CA THR B 193 16.35 -16.19 13.70
C THR B 193 17.30 -15.25 12.98
N ASN B 194 16.84 -14.04 12.63
CA ASN B 194 17.64 -13.13 11.82
C ASN B 194 18.40 -12.13 12.67
N ASN B 195 19.62 -11.81 12.23
CA ASN B 195 20.36 -10.68 12.77
C ASN B 195 20.64 -9.62 11.70
N SER B 196 20.28 -9.87 10.45
CA SER B 196 20.49 -8.91 9.38
C SER B 196 19.48 -9.14 8.27
N ALA B 197 18.97 -8.06 7.70
CA ALA B 197 18.01 -8.10 6.61
C ALA B 197 18.57 -7.37 5.41
N THR B 198 18.50 -7.99 4.23
CA THR B 198 18.95 -7.40 2.99
C THR B 198 17.76 -7.27 2.05
N ILE B 199 17.48 -6.05 1.60
CA ILE B 199 16.45 -5.80 0.60
C ILE B 199 17.11 -5.19 -0.62
N VAL B 200 17.11 -5.93 -1.73
CA VAL B 200 17.68 -5.42 -2.96
C VAL B 200 16.58 -4.67 -3.72
N MET B 201 16.34 -3.43 -3.33
CA MET B 201 15.29 -2.63 -3.95
C MET B 201 15.82 -1.95 -5.20
N PRO B 202 15.24 -2.22 -6.37
CA PRO B 202 15.67 -1.51 -7.59
C PRO B 202 15.23 -0.06 -7.58
N TYR B 203 15.61 0.66 -8.63
CA TYR B 203 15.15 2.02 -8.79
C TYR B 203 13.65 2.04 -8.98
N ILE B 204 12.93 2.70 -8.07
CA ILE B 204 11.49 2.70 -8.05
C ILE B 204 11.03 4.15 -8.16
N ASN B 205 10.61 4.57 -9.35
CA ASN B 205 10.04 5.89 -9.54
C ASN B 205 9.29 5.93 -10.86
N SER B 206 8.34 6.87 -10.95
CA SER B 206 7.59 7.03 -12.19
C SER B 206 8.50 7.46 -13.34
N VAL B 207 9.29 8.52 -13.12
CA VAL B 207 10.24 8.99 -14.11
C VAL B 207 11.43 8.04 -14.12
N PRO B 208 12.00 7.69 -15.29
CA PRO B 208 13.13 6.75 -15.30
C PRO B 208 14.33 7.23 -14.50
N MET B 209 14.58 8.54 -14.45
CA MET B 209 15.63 9.09 -13.60
C MET B 209 15.12 10.37 -12.95
N ASP B 210 15.40 10.53 -11.66
CA ASP B 210 14.95 11.69 -10.91
C ASP B 210 16.12 12.25 -10.10
N ASN B 211 16.00 13.53 -9.75
CA ASN B 211 16.99 14.15 -8.89
C ASN B 211 17.01 13.47 -7.54
N MET B 212 18.21 13.33 -6.99
CA MET B 212 18.42 12.56 -5.76
C MET B 212 18.35 13.42 -4.50
N PHE B 213 18.12 14.72 -4.64
CA PHE B 213 17.96 15.60 -3.48
C PHE B 213 16.50 15.95 -3.24
N ARG B 214 15.82 16.52 -4.25
CA ARG B 214 14.43 16.92 -4.06
C ARG B 214 13.55 15.71 -3.78
N HIS B 215 13.78 14.61 -4.49
CA HIS B 215 12.96 13.41 -4.35
C HIS B 215 13.76 12.31 -3.68
N TYR B 216 13.16 11.68 -2.68
CA TYR B 216 13.74 10.52 -2.01
C TYR B 216 13.12 9.28 -2.65
N ASN B 217 13.96 8.47 -3.32
CA ASN B 217 13.46 7.34 -4.08
C ASN B 217 12.64 6.40 -3.19
N PHE B 218 13.05 6.21 -1.95
CA PHE B 218 12.27 5.41 -1.02
C PHE B 218 12.70 5.76 0.40
N THR B 219 12.03 5.14 1.37
CA THR B 219 12.41 5.28 2.77
C THR B 219 12.56 3.90 3.38
N LEU B 220 13.71 3.66 3.99
CA LEU B 220 13.94 2.43 4.75
C LEU B 220 13.41 2.67 6.16
N MET B 221 12.27 2.06 6.47
CA MET B 221 11.67 2.15 7.79
C MET B 221 11.98 0.86 8.54
N ILE B 222 12.69 0.99 9.66
CA ILE B 222 12.98 -0.13 10.54
C ILE B 222 12.07 0.05 11.76
N ILE B 223 11.01 -0.74 11.82
CA ILE B 223 9.97 -0.60 12.83
C ILE B 223 10.08 -1.79 13.79
N PRO B 224 10.52 -1.60 15.02
CA PRO B 224 10.47 -2.72 15.98
C PRO B 224 9.03 -3.03 16.35
N PHE B 225 8.50 -4.11 15.78
CA PHE B 225 7.14 -4.52 16.14
C PHE B 225 7.13 -5.15 17.52
N ALA B 226 8.09 -6.03 17.80
CA ALA B 226 8.32 -6.50 19.16
C ALA B 226 9.50 -5.72 19.73
N PRO B 227 9.31 -4.91 20.77
CA PRO B 227 10.43 -4.12 21.29
C PRO B 227 11.54 -5.01 21.82
N LEU B 228 12.77 -4.50 21.74
CA LEU B 228 13.91 -5.25 22.24
C LEU B 228 13.71 -5.59 23.71
N ASN B 229 13.76 -6.89 24.01
CA ASN B 229 13.57 -7.38 25.38
C ASN B 229 14.75 -8.27 25.72
N PHE B 230 15.58 -7.83 26.66
CA PHE B 230 16.72 -8.59 27.15
C PHE B 230 16.75 -8.55 28.67
N ASN B 231 17.04 -9.68 29.28
CA ASN B 231 17.19 -9.72 30.73
C ASN B 231 18.49 -9.05 31.15
N GLU B 232 18.58 -8.72 32.44
CA GLU B 232 19.76 -8.07 32.98
C GLU B 232 20.98 -8.96 32.77
N GLY B 233 22.09 -8.33 32.37
CA GLY B 233 23.31 -9.02 32.03
C GLY B 233 23.54 -9.19 30.55
N ALA B 234 22.50 -9.03 29.74
CA ALA B 234 22.63 -9.07 28.29
C ALA B 234 23.09 -7.72 27.78
N THR B 235 23.70 -7.72 26.59
CA THR B 235 24.18 -6.49 25.98
C THR B 235 23.01 -5.53 25.76
N ALA B 236 23.08 -4.39 26.43
CA ALA B 236 22.03 -3.38 26.31
C ALA B 236 22.13 -2.56 25.04
N TYR B 237 23.34 -2.35 24.54
CA TYR B 237 23.55 -1.58 23.31
C TYR B 237 23.47 -2.53 22.12
N VAL B 238 22.24 -2.77 21.67
CA VAL B 238 21.98 -3.55 20.45
C VAL B 238 21.87 -2.57 19.29
N PRO B 239 22.85 -2.52 18.39
CA PRO B 239 22.82 -1.51 17.32
C PRO B 239 22.09 -2.00 16.08
N VAL B 240 21.35 -1.06 15.47
CA VAL B 240 20.69 -1.29 14.19
C VAL B 240 21.49 -0.52 13.15
N THR B 241 22.33 -1.23 12.41
CA THR B 241 23.28 -0.61 11.48
C THR B 241 22.80 -0.85 10.05
N VAL B 242 22.48 0.23 9.35
CA VAL B 242 22.06 0.17 7.95
C VAL B 242 23.28 0.25 7.06
N THR B 243 23.47 -0.77 6.23
CA THR B 243 24.55 -0.79 5.25
C THR B 243 23.90 -0.91 3.86
N ILE B 244 23.71 0.21 3.19
CA ILE B 244 22.98 0.26 1.93
C ILE B 244 23.99 0.39 0.79
N ALA B 245 23.82 -0.46 -0.22
CA ALA B 245 24.68 -0.45 -1.41
C ALA B 245 23.84 -0.16 -2.64
N PRO B 246 23.91 1.05 -3.20
CA PRO B 246 23.27 1.28 -4.51
C PRO B 246 23.86 0.35 -5.56
N MET B 247 23.01 -0.15 -6.44
CA MET B 247 23.45 -1.02 -7.53
C MET B 247 23.02 -0.44 -8.86
N TYR B 248 23.88 -0.61 -9.87
CA TYR B 248 23.63 -0.12 -11.22
C TYR B 248 23.24 1.36 -11.20
N ALA B 249 24.10 2.14 -10.57
CA ALA B 249 23.85 3.57 -10.36
C ALA B 249 24.28 4.34 -11.60
N GLU B 250 23.33 5.04 -12.22
CA GLU B 250 23.54 5.75 -13.47
C GLU B 250 23.06 7.18 -13.31
N TYR B 251 23.89 8.14 -13.70
CA TYR B 251 23.60 9.54 -13.50
C TYR B 251 23.71 10.30 -14.82
N ASN B 252 22.75 11.20 -15.05
CA ASN B 252 22.75 12.06 -16.23
C ASN B 252 22.69 13.51 -15.78
N GLY B 253 23.24 14.40 -16.60
CA GLY B 253 23.15 15.82 -16.32
C GLY B 253 24.23 16.34 -15.39
N LEU B 254 25.50 16.22 -15.79
CA LEU B 254 26.59 16.81 -15.03
C LEU B 254 26.36 18.31 -14.89
N ARG B 255 26.48 18.80 -13.65
CA ARG B 255 26.16 20.20 -13.36
C ARG B 255 27.03 20.66 -12.20
N LEU B 256 26.83 21.92 -11.81
CA LEU B 256 27.49 22.45 -10.62
C LEU B 256 27.02 21.70 -9.39
N ALA B 257 27.95 21.47 -8.46
CA ALA B 257 27.63 20.77 -7.23
C ALA B 257 26.57 21.54 -6.44
N SER B 258 25.55 20.82 -5.97
CA SER B 258 24.45 21.41 -5.22
C SER B 258 24.63 21.09 -3.75
N THR B 259 24.63 22.13 -2.91
CA THR B 259 24.80 21.96 -1.48
C THR B 259 23.75 22.74 -0.70
N GLY C 1 -31.52 8.78 -40.84
CA GLY C 1 -30.41 7.85 -40.93
C GLY C 1 -30.75 6.46 -40.45
N VAL C 2 -29.81 5.84 -39.74
CA VAL C 2 -30.04 4.49 -39.21
C VAL C 2 -31.10 4.55 -38.11
N PRO C 3 -32.18 3.77 -38.19
CA PRO C 3 -33.18 3.77 -37.12
C PRO C 3 -32.62 3.17 -35.85
N VAL C 4 -32.57 3.97 -34.79
CA VAL C 4 -32.00 3.57 -33.52
C VAL C 4 -33.04 3.76 -32.43
N LEU C 5 -33.31 2.71 -31.67
CA LEU C 5 -34.23 2.75 -30.55
C LEU C 5 -33.42 2.81 -29.25
N ASN C 6 -33.61 3.88 -28.49
CA ASN C 6 -32.86 4.05 -27.25
C ASN C 6 -33.35 3.07 -26.20
N THR C 7 -32.41 2.32 -25.62
CA THR C 7 -32.74 1.40 -24.55
C THR C 7 -33.10 2.17 -23.28
N PRO C 8 -33.84 1.55 -22.36
CA PRO C 8 -34.19 2.24 -21.11
C PRO C 8 -32.99 2.57 -20.23
N GLY C 9 -31.79 2.12 -20.59
CA GLY C 9 -30.56 2.50 -19.92
C GLY C 9 -29.80 3.62 -20.58
N SER C 10 -30.42 4.33 -21.53
CA SER C 10 -29.74 5.42 -22.23
C SER C 10 -29.63 6.65 -21.33
N THR C 11 -28.66 7.50 -21.65
CA THR C 11 -28.46 8.79 -20.98
C THR C 11 -28.33 8.63 -19.46
N GLN C 12 -27.59 7.61 -19.04
CA GLN C 12 -27.33 7.38 -17.63
C GLN C 12 -25.83 7.23 -17.41
N PHE C 13 -25.37 7.68 -16.24
CA PHE C 13 -23.98 7.48 -15.83
C PHE C 13 -23.89 6.33 -14.83
N LEU C 14 -23.91 5.12 -15.37
CA LEU C 14 -23.57 3.95 -14.56
C LEU C 14 -22.10 4.01 -14.20
N THR C 15 -21.80 3.83 -12.91
CA THR C 15 -20.41 3.93 -12.47
C THR C 15 -19.57 2.78 -13.03
N SER C 16 -20.12 1.57 -13.05
CA SER C 16 -19.41 0.39 -13.55
C SER C 16 -19.84 0.07 -14.98
N ASP C 17 -19.49 0.94 -15.91
CA ASP C 17 -19.85 0.78 -17.32
C ASP C 17 -18.59 0.76 -18.18
N ASP C 18 -18.55 -0.18 -19.13
CA ASP C 18 -17.46 -0.27 -20.10
C ASP C 18 -17.91 0.39 -21.41
N PHE C 19 -18.10 1.70 -21.34
CA PHE C 19 -18.54 2.49 -22.48
C PHE C 19 -17.39 3.35 -22.98
N GLN C 20 -17.13 3.26 -24.29
CA GLN C 20 -16.09 4.10 -24.89
C GLN C 20 -16.57 5.53 -24.98
N SER C 21 -15.65 6.47 -24.76
CA SER C 21 -15.95 7.89 -24.76
C SER C 21 -14.95 8.63 -25.63
N PRO C 22 -15.33 9.77 -26.19
CA PRO C 22 -14.38 10.54 -27.00
C PRO C 22 -13.19 11.00 -26.17
N SER C 23 -12.02 10.99 -26.81
CA SER C 23 -10.78 11.36 -26.14
C SER C 23 -10.75 12.87 -25.89
N ALA C 24 -10.31 13.25 -24.70
CA ALA C 24 -10.16 14.67 -24.39
C ALA C 24 -9.11 15.32 -25.29
N MET C 25 -7.95 14.68 -25.41
CA MET C 25 -6.89 15.11 -26.31
C MET C 25 -6.61 14.00 -27.32
N PRO C 26 -7.19 14.05 -28.52
CA PRO C 26 -6.98 12.96 -29.49
C PRO C 26 -5.53 12.90 -29.94
N GLN C 27 -5.08 11.67 -30.21
CA GLN C 27 -3.71 11.41 -30.66
C GLN C 27 -2.68 11.99 -29.71
N PHE C 28 -2.96 11.89 -28.41
CA PHE C 28 -2.04 12.36 -27.39
C PHE C 28 -0.95 11.33 -27.17
N ASP C 29 0.30 11.76 -27.33
CA ASP C 29 1.45 10.87 -27.18
C ASP C 29 1.71 10.68 -25.69
N GLU C 30 1.16 9.60 -25.14
CA GLU C 30 1.40 9.26 -23.76
C GLU C 30 2.89 8.98 -23.53
N THR C 31 3.38 9.34 -22.36
CA THR C 31 4.77 9.11 -22.02
C THR C 31 5.08 7.61 -22.11
N PRO C 32 6.17 7.21 -22.76
CA PRO C 32 6.41 5.78 -22.98
C PRO C 32 6.46 5.01 -21.66
N GLU C 33 5.83 3.84 -21.68
CA GLU C 33 5.74 3.02 -20.48
C GLU C 33 7.08 2.37 -20.17
N MET C 34 7.49 2.43 -18.91
CA MET C 34 8.71 1.79 -18.45
C MET C 34 8.36 0.69 -17.45
N HIS C 35 9.23 -0.31 -17.37
CA HIS C 35 9.00 -1.46 -16.50
C HIS C 35 9.33 -1.06 -15.07
N ILE C 36 8.37 -0.41 -14.41
CA ILE C 36 8.50 -0.08 -13.00
C ILE C 36 8.27 -1.36 -12.20
N PRO C 37 9.23 -1.79 -11.38
CA PRO C 37 9.08 -3.06 -10.67
C PRO C 37 7.89 -3.07 -9.73
N GLY C 38 7.23 -4.22 -9.66
CA GLY C 38 6.09 -4.41 -8.78
C GLY C 38 4.74 -4.18 -9.41
N GLU C 39 4.59 -4.38 -10.72
CA GLU C 39 3.35 -4.06 -11.42
C GLU C 39 2.18 -4.80 -10.81
N VAL C 40 1.26 -4.07 -10.19
CA VAL C 40 0.07 -4.65 -9.57
C VAL C 40 -1.02 -4.71 -10.63
N ARG C 41 -1.33 -5.91 -11.11
CA ARG C 41 -2.45 -6.12 -12.03
C ARG C 41 -3.65 -6.72 -11.32
N ASN C 42 -3.62 -6.80 -9.99
CA ASN C 42 -4.73 -7.27 -9.17
C ASN C 42 -4.38 -6.98 -7.72
N LEU C 43 -5.36 -6.48 -6.96
CA LEU C 43 -5.12 -6.16 -5.56
C LEU C 43 -5.23 -7.39 -4.65
N MET C 44 -5.62 -8.54 -5.20
CA MET C 44 -5.47 -9.76 -4.43
C MET C 44 -4.02 -10.17 -4.30
N GLU C 45 -3.14 -9.51 -5.06
CA GLU C 45 -1.69 -9.75 -4.92
C GLU C 45 -1.25 -9.07 -3.63
N MET C 46 -1.72 -7.84 -3.38
CA MET C 46 -1.40 -7.14 -2.11
C MET C 46 -2.18 -7.77 -0.95
N ALA C 47 -3.24 -8.52 -1.23
CA ALA C 47 -3.92 -9.25 -0.14
C ALA C 47 -3.05 -10.47 0.19
N GLU C 48 -2.58 -11.17 -0.83
CA GLU C 48 -1.76 -12.37 -0.64
C GLU C 48 -0.52 -12.09 0.18
N VAL C 49 0.09 -10.91 0.02
CA VAL C 49 1.33 -10.63 0.74
C VAL C 49 1.04 -10.43 2.22
N ASP C 50 1.94 -10.92 3.07
CA ASP C 50 1.73 -10.92 4.51
C ASP C 50 1.48 -9.51 5.04
N SER C 51 0.85 -9.47 6.22
CA SER C 51 0.54 -8.20 6.87
C SER C 51 0.39 -8.46 8.37
N VAL C 52 1.19 -7.76 9.18
CA VAL C 52 1.08 -7.90 10.63
C VAL C 52 -0.31 -7.44 11.05
N VAL C 53 -1.01 -8.29 11.79
CA VAL C 53 -2.38 -7.98 12.20
C VAL C 53 -2.40 -7.51 13.64
N PRO C 54 -3.28 -6.59 13.99
CA PRO C 54 -3.42 -6.13 15.40
C PRO C 54 -4.24 -7.11 16.24
N VAL C 55 -3.64 -8.25 16.57
CA VAL C 55 -4.31 -9.24 17.40
C VAL C 55 -4.62 -8.67 18.77
N ASN C 56 -3.66 -8.00 19.39
CA ASN C 56 -3.82 -7.45 20.74
C ASN C 56 -4.31 -6.00 20.64
N ASN C 57 -5.52 -5.86 20.10
CA ASN C 57 -6.12 -4.56 19.86
C ASN C 57 -6.92 -4.04 21.06
N ILE C 58 -6.56 -4.49 22.27
CA ILE C 58 -7.16 -4.03 23.51
C ILE C 58 -7.03 -2.50 23.58
N THR C 59 -7.93 -1.86 24.35
CA THR C 59 -8.00 -0.41 24.40
C THR C 59 -6.65 0.20 24.71
N GLY C 60 -6.27 1.21 23.93
CA GLY C 60 -4.99 1.88 24.07
C GLY C 60 -3.86 1.27 23.27
N LYS C 61 -3.82 -0.05 23.17
CA LYS C 61 -2.73 -0.72 22.47
C LYS C 61 -2.78 -0.56 20.97
N THR C 62 -3.93 -0.17 20.40
CA THR C 62 -3.99 0.10 18.97
C THR C 62 -3.15 1.33 18.62
N LYS C 63 -3.08 2.31 19.53
CA LYS C 63 -2.22 3.47 19.32
C LYS C 63 -0.75 3.08 19.30
N SER C 64 -0.35 2.15 20.16
CA SER C 64 1.05 1.78 20.28
C SER C 64 1.36 0.61 19.35
N MET C 65 2.55 0.03 19.50
CA MET C 65 2.98 -1.11 18.70
C MET C 65 2.50 -2.45 19.26
N GLU C 66 1.94 -2.46 20.46
CA GLU C 66 1.56 -3.71 21.09
C GLU C 66 0.29 -4.30 20.51
N ALA C 67 -0.37 -3.61 19.58
CA ALA C 67 -1.55 -4.17 18.94
C ALA C 67 -1.19 -5.43 18.16
N TYR C 68 -0.09 -5.40 17.42
CA TYR C 68 0.34 -6.58 16.68
C TYR C 68 0.97 -7.62 17.60
N GLN C 69 1.60 -7.19 18.68
CA GLN C 69 2.32 -8.09 19.56
C GLN C 69 1.34 -9.02 20.27
N ILE C 70 1.53 -10.32 20.09
CA ILE C 70 0.76 -11.35 20.79
C ILE C 70 1.61 -11.82 21.96
N ALA C 71 1.22 -11.43 23.17
CA ALA C 71 2.04 -11.71 24.34
C ALA C 71 1.99 -13.18 24.73
N VAL C 72 3.17 -13.77 24.95
CA VAL C 72 3.29 -15.11 25.48
C VAL C 72 4.28 -15.06 26.63
N GLY C 73 4.12 -15.97 27.59
CA GLY C 73 4.91 -15.94 28.80
C GLY C 73 5.23 -17.33 29.30
N THR C 74 6.32 -17.42 30.05
CA THR C 74 6.74 -18.67 30.69
C THR C 74 6.19 -18.73 32.12
N GLY C 75 4.86 -18.70 32.20
CA GLY C 75 4.19 -18.74 33.49
C GLY C 75 3.05 -19.74 33.47
N ASN C 76 2.92 -20.48 34.56
CA ASN C 76 1.85 -21.47 34.68
C ASN C 76 0.48 -20.83 34.71
N THR C 77 0.40 -19.55 35.08
CA THR C 77 -0.88 -18.86 35.16
C THR C 77 -1.48 -18.67 33.77
N ASP C 78 -2.79 -18.93 33.66
CA ASP C 78 -3.55 -18.71 32.42
C ASP C 78 -3.00 -19.52 31.25
N LYS C 79 -2.36 -20.66 31.54
CA LYS C 79 -1.93 -21.55 30.46
C LYS C 79 -3.10 -22.29 29.83
N THR C 80 -4.18 -22.50 30.57
CA THR C 80 -5.40 -23.09 30.03
C THR C 80 -6.32 -22.04 29.41
N LYS C 81 -5.78 -20.86 29.11
CA LYS C 81 -6.51 -19.77 28.47
C LYS C 81 -5.90 -19.47 27.10
N PRO C 82 -6.71 -19.04 26.14
CA PRO C 82 -6.18 -18.79 24.80
C PRO C 82 -5.12 -17.69 24.81
N ILE C 83 -4.07 -17.90 24.01
CA ILE C 83 -3.14 -16.79 23.76
C ILE C 83 -3.89 -15.64 23.11
N PHE C 84 -4.75 -15.94 22.13
CA PHE C 84 -5.67 -14.95 21.61
C PHE C 84 -6.89 -15.64 21.03
N SER C 85 -7.89 -14.83 20.69
CA SER C 85 -9.08 -15.30 19.99
C SER C 85 -9.70 -14.15 19.23
N PHE C 86 -10.10 -14.40 17.99
CA PHE C 86 -10.82 -13.40 17.21
C PHE C 86 -11.59 -14.09 16.09
N GLN C 87 -12.40 -13.30 15.39
CA GLN C 87 -13.22 -13.83 14.31
C GLN C 87 -12.40 -13.99 13.03
N MET C 88 -12.67 -15.07 12.30
CA MET C 88 -11.89 -15.38 11.10
C MET C 88 -12.17 -14.39 9.98
N ASP C 89 -13.42 -13.93 9.84
CA ASP C 89 -13.81 -13.11 8.70
C ASP C 89 -13.03 -11.80 8.68
N PRO C 90 -12.17 -11.58 7.69
CA PRO C 90 -11.40 -10.32 7.65
C PRO C 90 -12.25 -9.10 7.43
N GLY C 91 -13.50 -9.26 6.97
CA GLY C 91 -14.31 -8.10 6.65
C GLY C 91 -14.65 -7.26 7.86
N TYR C 92 -15.15 -7.88 8.92
CA TYR C 92 -15.64 -7.14 10.08
C TYR C 92 -14.88 -7.44 11.37
N SER C 93 -14.05 -8.48 11.40
CA SER C 93 -13.29 -8.77 12.61
C SER C 93 -12.34 -7.62 12.91
N SER C 94 -12.30 -7.22 14.18
CA SER C 94 -11.48 -6.08 14.57
C SER C 94 -10.01 -6.31 14.25
N VAL C 95 -9.53 -7.53 14.45
CA VAL C 95 -8.12 -7.83 14.22
C VAL C 95 -7.78 -7.73 12.73
N LEU C 96 -8.61 -8.33 11.88
CA LEU C 96 -8.28 -8.54 10.48
C LEU C 96 -8.88 -7.51 9.54
N LYS C 97 -9.62 -6.52 10.05
CA LYS C 97 -10.31 -5.61 9.15
C LYS C 97 -9.38 -4.60 8.50
N ARG C 98 -8.33 -4.16 9.20
CA ARG C 98 -7.44 -3.12 8.70
C ARG C 98 -6.13 -3.70 8.16
N THR C 99 -6.03 -5.01 8.03
CA THR C 99 -4.84 -5.64 7.47
C THR C 99 -4.93 -5.64 5.94
N LEU C 100 -3.89 -6.14 5.29
CA LEU C 100 -3.83 -6.07 3.83
C LEU C 100 -4.98 -6.82 3.18
N LEU C 101 -5.25 -8.05 3.61
CA LEU C 101 -6.40 -8.77 3.07
C LEU C 101 -7.71 -8.13 3.51
N GLY C 102 -7.77 -7.67 4.76
CA GLY C 102 -9.00 -7.05 5.25
C GLY C 102 -9.28 -5.71 4.60
N GLU C 103 -8.24 -4.90 4.41
CA GLU C 103 -8.42 -3.61 3.75
C GLU C 103 -8.81 -3.79 2.29
N MET C 104 -8.27 -4.81 1.64
CA MET C 104 -8.71 -5.18 0.30
C MET C 104 -9.94 -6.06 0.32
N LEU C 105 -10.51 -6.30 1.51
CA LEU C 105 -11.80 -6.97 1.63
C LEU C 105 -12.95 -6.01 1.86
N ASN C 106 -12.76 -4.98 2.68
CA ASN C 106 -13.82 -4.01 2.93
C ASN C 106 -14.04 -3.08 1.75
N TYR C 107 -13.15 -3.11 0.75
CA TYR C 107 -13.43 -2.53 -0.56
C TYR C 107 -14.34 -3.41 -1.40
N TYR C 108 -14.78 -4.54 -0.85
CA TYR C 108 -15.65 -5.47 -1.56
C TYR C 108 -16.73 -5.95 -0.60
N ALA C 109 -17.77 -6.56 -1.17
CA ALA C 109 -18.88 -7.07 -0.38
C ALA C 109 -18.87 -8.57 -0.20
N HIS C 110 -18.24 -9.31 -1.11
CA HIS C 110 -18.14 -10.76 -1.01
C HIS C 110 -16.68 -11.17 -1.10
N TRP C 111 -16.30 -12.16 -0.30
CA TRP C 111 -14.93 -12.65 -0.28
C TRP C 111 -14.93 -14.17 -0.19
N SER C 112 -14.02 -14.80 -0.92
CA SER C 112 -13.85 -16.24 -0.89
C SER C 112 -12.37 -16.57 -0.97
N GLY C 113 -11.98 -17.62 -0.24
CA GLY C 113 -10.58 -18.05 -0.31
C GLY C 113 -10.06 -18.46 1.05
N SER C 114 -8.83 -18.97 1.08
CA SER C 114 -8.25 -19.46 2.34
C SER C 114 -7.35 -18.38 2.93
N VAL C 115 -7.76 -17.76 4.03
CA VAL C 115 -6.87 -16.80 4.72
C VAL C 115 -5.75 -17.65 5.32
N LYS C 116 -4.49 -17.24 5.19
CA LYS C 116 -3.40 -17.99 5.88
C LYS C 116 -2.73 -17.04 6.86
N LEU C 117 -2.72 -17.42 8.13
CA LEU C 117 -2.15 -16.52 9.16
C LEU C 117 -0.76 -17.02 9.53
N THR C 118 0.28 -16.32 9.09
CA THR C 118 1.66 -16.68 9.41
C THR C 118 2.01 -16.07 10.77
N PHE C 119 2.41 -16.91 11.71
CA PHE C 119 2.68 -16.50 13.08
C PHE C 119 4.18 -16.51 13.32
N LEU C 120 4.75 -15.33 13.58
CA LEU C 120 6.18 -15.18 13.78
C LEU C 120 6.47 -15.00 15.26
N PHE C 121 7.32 -15.88 15.81
CA PHE C 121 7.69 -15.81 17.22
C PHE C 121 8.82 -14.81 17.36
N CYS C 122 8.49 -13.63 17.88
CA CYS C 122 9.48 -12.56 18.03
C CYS C 122 10.04 -12.54 19.45
N GLY C 123 10.64 -13.66 19.84
CA GLY C 123 11.20 -13.81 21.17
C GLY C 123 12.65 -14.24 21.17
N SER C 124 13.11 -14.75 22.30
CA SER C 124 14.49 -15.19 22.41
C SER C 124 14.74 -16.39 21.51
N ALA C 125 15.98 -16.48 20.99
CA ALA C 125 16.33 -17.58 20.09
C ALA C 125 16.28 -18.92 20.81
N MET C 126 16.54 -18.93 22.12
CA MET C 126 16.46 -20.15 22.91
C MET C 126 15.09 -20.35 23.54
N ALA C 127 14.12 -19.48 23.24
CA ALA C 127 12.77 -19.60 23.77
C ALA C 127 12.00 -20.55 22.87
N THR C 128 11.82 -21.79 23.34
CA THR C 128 11.16 -22.84 22.58
C THR C 128 9.85 -23.20 23.25
N GLY C 129 8.78 -23.30 22.46
CA GLY C 129 7.49 -23.67 22.97
C GLY C 129 6.59 -24.15 21.85
N LYS C 130 5.52 -24.85 22.24
CA LYS C 130 4.54 -25.38 21.30
C LYS C 130 3.22 -24.67 21.52
N LEU C 131 2.69 -24.10 20.45
CA LEU C 131 1.38 -23.46 20.46
C LEU C 131 0.41 -24.29 19.63
N LEU C 132 -0.89 -24.03 19.83
CA LEU C 132 -1.95 -24.73 19.09
C LEU C 132 -2.83 -23.66 18.46
N ILE C 133 -2.54 -23.30 17.21
CA ILE C 133 -3.29 -22.27 16.51
C ILE C 133 -4.43 -22.93 15.74
N SER C 134 -5.66 -22.57 16.08
CA SER C 134 -6.82 -23.32 15.64
C SER C 134 -7.86 -22.40 15.02
N TYR C 135 -8.24 -22.70 13.79
CA TYR C 135 -9.45 -22.14 13.18
C TYR C 135 -10.60 -23.11 13.42
N SER C 136 -11.61 -22.65 14.15
CA SER C 136 -12.81 -23.42 14.38
C SER C 136 -13.90 -22.94 13.43
N PRO C 137 -14.44 -23.81 12.57
CA PRO C 137 -15.50 -23.37 11.67
C PRO C 137 -16.73 -22.93 12.44
N PRO C 138 -17.54 -22.02 11.88
CA PRO C 138 -18.69 -21.49 12.63
C PRO C 138 -19.76 -22.53 12.87
N GLY C 139 -20.84 -22.12 13.55
CA GLY C 139 -21.89 -23.02 13.94
C GLY C 139 -21.81 -23.48 15.38
N ALA C 140 -20.70 -23.20 16.07
CA ALA C 140 -20.53 -23.57 17.47
C ALA C 140 -19.97 -22.38 18.21
N SER C 141 -19.97 -22.48 19.54
CA SER C 141 -19.46 -21.42 20.38
C SER C 141 -17.95 -21.24 20.18
N VAL C 142 -17.46 -20.05 20.50
CA VAL C 142 -16.04 -19.73 20.44
C VAL C 142 -15.30 -20.68 21.37
N PRO C 143 -14.20 -21.29 20.94
CA PRO C 143 -13.49 -22.25 21.81
C PRO C 143 -13.07 -21.63 23.13
N SER C 144 -13.54 -22.22 24.23
CA SER C 144 -13.16 -21.80 25.57
C SER C 144 -12.20 -22.77 26.24
N SER C 145 -11.92 -23.90 25.61
CA SER C 145 -10.93 -24.86 26.10
C SER C 145 -10.04 -25.27 24.93
N ARG C 146 -8.78 -25.64 25.25
CA ARG C 146 -7.86 -26.04 24.21
C ARG C 146 -8.34 -27.28 23.48
N LYS C 147 -9.06 -28.15 24.18
CA LYS C 147 -9.65 -29.32 23.53
C LYS C 147 -10.69 -28.93 22.49
N ASP C 148 -11.50 -27.91 22.79
CA ASP C 148 -12.49 -27.43 21.83
C ASP C 148 -11.82 -26.89 20.57
N ALA C 149 -10.73 -26.15 20.73
CA ALA C 149 -9.98 -25.67 19.58
C ALA C 149 -9.34 -26.82 18.81
N MET C 150 -8.87 -27.84 19.53
CA MET C 150 -8.30 -29.02 18.86
C MET C 150 -9.35 -29.76 18.04
N LEU C 151 -10.61 -29.73 18.49
CA LEU C 151 -11.67 -30.40 17.75
C LEU C 151 -11.91 -29.78 16.38
N GLY C 152 -11.62 -28.49 16.22
CA GLY C 152 -11.68 -27.83 14.93
C GLY C 152 -10.35 -27.96 14.19
N THR C 153 -10.26 -27.21 13.09
CA THR C 153 -9.01 -27.22 12.33
C THR C 153 -7.92 -26.56 13.15
N HIS C 154 -6.74 -27.17 13.18
CA HIS C 154 -5.68 -26.62 14.01
C HIS C 154 -4.33 -27.07 13.49
N ILE C 155 -3.31 -26.31 13.86
CA ILE C 155 -1.92 -26.67 13.58
C ILE C 155 -1.11 -26.45 14.87
N ILE C 156 -0.27 -27.42 15.19
CA ILE C 156 0.66 -27.27 16.30
C ILE C 156 1.92 -26.57 15.79
N TRP C 157 2.21 -25.41 16.37
CA TRP C 157 3.38 -24.63 16.02
C TRP C 157 4.50 -24.96 17.00
N ASP C 158 5.48 -25.71 16.54
CA ASP C 158 6.69 -25.98 17.32
C ASP C 158 7.70 -24.89 17.00
N ILE C 159 7.86 -23.95 17.93
CA ILE C 159 8.71 -22.79 17.68
C ILE C 159 10.17 -23.23 17.63
N GLY C 160 10.85 -22.88 16.56
CA GLY C 160 12.22 -23.29 16.35
C GLY C 160 12.94 -22.35 15.42
N LEU C 161 13.85 -22.92 14.60
CA LEU C 161 14.66 -22.12 13.71
C LEU C 161 13.79 -21.38 12.69
N GLN C 162 12.79 -22.06 12.13
CA GLN C 162 11.89 -21.42 11.17
C GLN C 162 11.12 -20.27 11.82
N SER C 163 10.62 -20.48 13.04
CA SER C 163 9.98 -19.46 13.87
C SER C 163 8.72 -18.88 13.25
N SER C 164 8.13 -19.54 12.25
CA SER C 164 6.92 -19.02 11.63
C SER C 164 6.10 -20.19 11.11
N CYS C 165 4.96 -20.46 11.74
CA CYS C 165 4.02 -21.47 11.30
C CYS C 165 2.81 -20.79 10.68
N VAL C 166 2.38 -21.28 9.51
CA VAL C 166 1.29 -20.68 8.76
C VAL C 166 0.04 -21.49 9.04
N LEU C 167 -0.92 -20.89 9.74
CA LEU C 167 -2.24 -21.49 9.95
C LEU C 167 -3.13 -21.09 8.77
N CYS C 168 -3.35 -22.02 7.85
CA CYS C 168 -4.11 -21.76 6.64
C CYS C 168 -5.55 -22.19 6.88
N VAL C 169 -6.44 -21.21 7.03
CA VAL C 169 -7.86 -21.47 7.21
C VAL C 169 -8.41 -22.10 5.93
N PRO C 170 -8.84 -23.36 5.97
CA PRO C 170 -9.14 -24.06 4.71
C PRO C 170 -10.53 -23.79 4.15
N TRP C 171 -10.95 -22.53 4.15
CA TRP C 171 -12.21 -22.07 3.53
C TRP C 171 -13.35 -23.03 3.83
N ILE C 172 -13.66 -23.16 5.12
CA ILE C 172 -14.75 -24.03 5.58
C ILE C 172 -16.00 -23.15 5.57
N SER C 173 -16.68 -23.11 4.42
CA SER C 173 -17.85 -22.27 4.25
C SER C 173 -18.97 -23.08 3.59
N GLN C 174 -20.20 -22.68 3.87
CA GLN C 174 -21.38 -23.28 3.25
C GLN C 174 -21.77 -22.59 1.96
N SER C 175 -21.08 -21.52 1.59
CA SER C 175 -21.37 -20.78 0.36
C SER C 175 -20.07 -20.50 -0.38
N HIS C 176 -20.18 -20.35 -1.70
CA HIS C 176 -19.00 -20.12 -2.52
C HIS C 176 -18.31 -18.80 -2.21
N TYR C 177 -19.04 -17.83 -1.66
CA TYR C 177 -18.48 -16.52 -1.36
C TYR C 177 -19.07 -16.02 -0.04
N ARG C 178 -18.23 -15.94 0.99
CA ARG C 178 -18.66 -15.29 2.21
C ARG C 178 -18.81 -13.78 1.98
N MET C 179 -19.68 -13.17 2.77
CA MET C 179 -19.97 -11.74 2.65
C MET C 179 -19.06 -10.95 3.57
N VAL C 180 -18.44 -9.90 3.02
CA VAL C 180 -17.50 -9.09 3.80
C VAL C 180 -18.23 -8.41 4.96
N GLN C 181 -19.41 -7.87 4.71
CA GLN C 181 -20.18 -7.23 5.76
C GLN C 181 -20.61 -8.25 6.81
N GLN C 182 -20.77 -7.79 8.04
CA GLN C 182 -21.10 -8.65 9.17
C GLN C 182 -22.52 -9.18 9.00
N ASP C 183 -22.63 -10.47 8.65
CA ASP C 183 -23.92 -11.14 8.56
C ASP C 183 -23.76 -12.54 9.14
N PRO C 184 -24.68 -12.98 10.00
CA PRO C 184 -24.54 -14.32 10.61
C PRO C 184 -24.55 -15.46 9.61
N TYR C 185 -25.19 -15.29 8.46
CA TYR C 185 -25.30 -16.38 7.50
C TYR C 185 -23.92 -16.77 6.96
N THR C 186 -23.15 -15.79 6.49
CA THR C 186 -21.79 -16.02 6.03
C THR C 186 -20.75 -15.70 7.10
N SER C 187 -21.16 -15.77 8.37
CA SER C 187 -20.22 -15.56 9.46
C SER C 187 -19.13 -16.63 9.43
N ALA C 188 -17.89 -16.20 9.52
CA ALA C 188 -16.76 -17.11 9.44
C ALA C 188 -16.53 -17.78 10.80
N GLY C 189 -15.45 -18.53 10.92
CA GLY C 189 -15.11 -19.22 12.14
C GLY C 189 -14.36 -18.33 13.10
N TYR C 190 -13.67 -18.96 14.04
CA TYR C 190 -12.93 -18.26 15.07
C TYR C 190 -11.50 -18.77 15.10
N ILE C 191 -10.54 -17.86 15.02
CA ILE C 191 -9.12 -18.18 15.07
C ILE C 191 -8.66 -17.91 16.49
N THR C 192 -8.23 -18.97 17.18
CA THR C 192 -7.79 -18.90 18.57
C THR C 192 -6.43 -19.56 18.70
N CYS C 193 -5.53 -18.90 19.42
CA CYS C 193 -4.20 -19.45 19.69
C CYS C 193 -4.09 -19.76 21.18
N TRP C 194 -3.61 -20.96 21.48
CA TRP C 194 -3.48 -21.48 22.83
C TRP C 194 -2.06 -21.98 23.04
N TYR C 195 -1.77 -22.45 24.24
CA TYR C 195 -0.49 -23.05 24.56
C TYR C 195 -0.59 -24.56 24.50
N GLN C 196 0.00 -25.16 23.46
CA GLN C 196 0.17 -26.61 23.47
C GLN C 196 1.26 -27.02 24.45
N THR C 197 2.29 -26.18 24.59
CA THR C 197 3.29 -26.30 25.63
C THR C 197 3.73 -24.90 26.02
N ASN C 198 4.23 -24.76 27.25
CA ASN C 198 4.66 -23.45 27.70
C ASN C 198 5.84 -22.96 26.86
N ILE C 199 6.05 -21.64 26.90
CA ILE C 199 7.18 -21.05 26.18
C ILE C 199 8.40 -21.16 27.08
N VAL C 200 9.07 -22.30 27.04
CA VAL C 200 10.20 -22.55 27.92
C VAL C 200 11.36 -21.66 27.51
N VAL C 201 11.91 -20.93 28.47
CA VAL C 201 13.01 -20.00 28.20
C VAL C 201 14.16 -20.31 29.15
N PRO C 202 15.41 -20.06 28.74
CA PRO C 202 16.53 -20.16 29.68
C PRO C 202 16.47 -19.06 30.71
N PRO C 203 17.20 -19.20 31.83
CA PRO C 203 17.14 -18.16 32.86
C PRO C 203 17.57 -16.78 32.38
N GLY C 204 18.41 -16.70 31.36
CA GLY C 204 18.86 -15.44 30.81
C GLY C 204 17.99 -14.86 29.72
N ALA C 205 16.83 -15.45 29.44
CA ALA C 205 15.96 -14.97 28.38
C ALA C 205 14.66 -14.43 28.96
N PRO C 206 14.08 -13.39 28.34
CA PRO C 206 12.82 -12.84 28.85
C PRO C 206 11.68 -13.86 28.74
N THR C 207 10.83 -13.87 29.77
CA THR C 207 9.67 -14.74 29.74
C THR C 207 8.56 -14.20 28.85
N SER C 208 8.38 -12.87 28.85
CA SER C 208 7.28 -12.25 28.11
C SER C 208 7.70 -12.04 26.66
N CYS C 209 7.68 -13.13 25.90
CA CYS C 209 7.99 -13.08 24.49
C CYS C 209 6.80 -12.55 23.70
N ASP C 210 7.04 -12.23 22.42
CA ASP C 210 6.04 -11.63 21.56
C ASP C 210 5.86 -12.47 20.30
N VAL C 211 4.63 -12.47 19.78
CA VAL C 211 4.28 -13.19 18.56
C VAL C 211 3.59 -12.21 17.62
N LEU C 212 3.90 -12.31 16.33
CA LEU C 212 3.26 -11.50 15.30
C LEU C 212 2.48 -12.41 14.36
N CYS C 213 1.24 -12.05 14.08
CA CYS C 213 0.38 -12.82 13.20
C CYS C 213 0.27 -12.09 11.85
N PHE C 214 0.56 -12.82 10.77
CA PHE C 214 0.54 -12.26 9.42
C PHE C 214 -0.61 -12.91 8.66
N ALA C 215 -1.76 -12.24 8.61
CA ALA C 215 -2.88 -12.74 7.84
C ALA C 215 -2.65 -12.45 6.36
N SER C 216 -2.60 -13.50 5.55
CA SER C 216 -2.31 -13.40 4.13
C SER C 216 -3.29 -14.24 3.34
N ALA C 217 -3.46 -13.87 2.08
CA ALA C 217 -4.38 -14.57 1.18
C ALA C 217 -3.64 -15.64 0.41
N CYS C 218 -4.32 -16.77 0.19
CA CYS C 218 -3.76 -17.87 -0.58
C CYS C 218 -4.14 -17.69 -2.04
N ASN C 219 -3.76 -18.66 -2.88
CA ASN C 219 -4.11 -18.59 -4.29
C ASN C 219 -5.60 -18.74 -4.51
N ASP C 220 -6.31 -19.36 -3.56
CA ASP C 220 -7.75 -19.53 -3.68
C ASP C 220 -8.49 -18.21 -3.56
N PHE C 221 -7.90 -17.25 -2.83
CA PHE C 221 -8.60 -16.05 -2.40
C PHE C 221 -9.10 -15.21 -3.58
N SER C 222 -10.34 -14.73 -3.44
CA SER C 222 -10.94 -13.85 -4.43
C SER C 222 -12.03 -13.01 -3.77
N VAL C 223 -12.31 -11.84 -4.36
CA VAL C 223 -13.42 -10.99 -3.96
C VAL C 223 -14.28 -10.74 -5.19
N ARG C 224 -15.60 -10.69 -4.99
CA ARG C 224 -16.55 -10.73 -6.09
C ARG C 224 -17.35 -9.45 -6.30
N LEU C 225 -17.75 -8.75 -5.24
CA LEU C 225 -18.64 -7.61 -5.37
C LEU C 225 -18.01 -6.39 -4.74
N LEU C 226 -17.66 -5.41 -5.57
CA LEU C 226 -16.99 -4.21 -5.10
C LEU C 226 -17.96 -3.31 -4.35
N ARG C 227 -17.42 -2.59 -3.36
CA ARG C 227 -18.21 -1.64 -2.57
C ARG C 227 -17.29 -0.60 -1.97
N ASP C 228 -17.81 0.60 -1.74
CA ASP C 228 -17.03 1.64 -1.10
C ASP C 228 -16.65 1.21 0.32
N THR C 229 -15.40 1.48 0.69
CA THR C 229 -14.89 1.01 1.97
C THR C 229 -15.51 1.80 3.12
N PRO C 230 -15.99 1.13 4.17
CA PRO C 230 -16.51 1.87 5.33
C PRO C 230 -15.42 2.57 6.14
N PHE C 231 -14.16 2.16 6.00
CA PHE C 231 -13.10 2.76 6.80
C PHE C 231 -12.84 4.20 6.39
N MET C 232 -12.79 4.46 5.09
CA MET C 232 -12.47 5.79 4.58
C MET C 232 -13.72 6.65 4.64
N ALA C 233 -13.87 7.40 5.73
CA ALA C 233 -14.99 8.31 5.91
C ALA C 233 -14.49 9.74 5.76
N GLN C 234 -15.17 10.51 4.90
CA GLN C 234 -14.78 11.90 4.64
C GLN C 234 -15.80 12.84 5.25
N PRO C 235 -15.51 13.46 6.39
CA PRO C 235 -16.49 14.38 7.00
C PRO C 235 -16.84 15.57 6.12
N GLY C 236 -15.89 16.07 5.34
CA GLY C 236 -16.16 17.21 4.49
C GLY C 236 -15.03 17.45 3.52
N LYS C 237 -15.13 18.57 2.80
CA LYS C 237 -14.12 18.92 1.82
C LYS C 237 -12.76 19.10 2.48
N LEU C 238 -11.73 18.53 1.85
CA LEU C 238 -10.38 18.55 2.41
C LEU C 238 -9.72 19.90 2.19
N THR D 28 -19.28 -4.66 -29.24
CA THR D 28 -18.49 -5.71 -28.61
C THR D 28 -17.12 -5.17 -28.20
N ASN D 29 -16.06 -5.71 -28.80
CA ASN D 29 -14.71 -5.26 -28.55
C ASN D 29 -14.22 -4.24 -29.58
N ILE D 30 -15.09 -3.84 -30.51
CA ILE D 30 -14.69 -2.89 -31.54
C ILE D 30 -14.46 -1.52 -30.91
N ASN D 31 -13.32 -0.91 -31.22
CA ASN D 31 -12.98 0.42 -30.74
C ASN D 31 -13.45 1.45 -31.76
N PHE D 32 -14.40 2.29 -31.36
CA PHE D 32 -14.99 3.28 -32.24
C PHE D 32 -14.25 4.61 -32.23
N TYR D 33 -13.21 4.75 -31.40
CA TYR D 33 -12.44 5.98 -31.29
C TYR D 33 -10.98 5.69 -31.60
N LYS D 34 -10.37 6.58 -32.39
CA LYS D 34 -9.01 6.33 -32.87
C LYS D 34 -8.00 6.30 -31.72
N ASP D 35 -8.14 7.22 -30.76
CA ASP D 35 -7.19 7.28 -29.66
C ASP D 35 -7.29 6.03 -28.79
N ALA D 36 -6.13 5.50 -28.39
CA ALA D 36 -6.11 4.27 -27.59
C ALA D 36 -6.75 4.48 -26.23
N ALA D 37 -6.50 5.64 -25.61
CA ALA D 37 -7.09 5.92 -24.31
C ALA D 37 -8.60 6.02 -24.38
N SER D 38 -9.14 6.40 -25.54
CA SER D 38 -10.60 6.54 -25.72
C SER D 38 -11.21 5.18 -26.08
N SER D 39 -11.01 4.22 -25.19
CA SER D 39 -11.52 2.87 -25.37
C SER D 39 -12.03 2.34 -24.04
N ALA D 40 -12.80 1.27 -24.12
CA ALA D 40 -13.37 0.66 -22.92
C ALA D 40 -12.26 0.09 -22.03
N SER D 41 -12.53 0.04 -20.73
CA SER D 41 -11.56 -0.48 -19.78
C SER D 41 -11.30 -1.95 -20.05
N ASN D 42 -10.06 -2.38 -19.82
CA ASN D 42 -9.64 -3.76 -20.10
C ASN D 42 -10.04 -4.65 -18.93
N ARG D 43 -11.35 -4.71 -18.70
CA ARG D 43 -11.89 -5.46 -17.57
C ARG D 43 -11.83 -6.97 -17.77
N GLN D 44 -11.48 -7.44 -18.97
CA GLN D 44 -11.38 -8.85 -19.25
C GLN D 44 -9.95 -9.37 -19.13
N GLU D 45 -9.04 -8.56 -18.60
CA GLU D 45 -7.66 -8.97 -18.38
C GLU D 45 -7.49 -9.31 -16.90
N LEU D 46 -7.19 -10.57 -16.63
CA LEU D 46 -7.04 -11.07 -15.27
C LEU D 46 -5.63 -11.60 -15.04
N GLN D 47 -4.66 -10.98 -15.69
CA GLN D 47 -3.27 -11.33 -15.46
C GLN D 47 -2.87 -10.99 -14.03
N GLN D 48 -2.06 -11.85 -13.42
CA GLN D 48 -1.72 -11.70 -12.02
C GLN D 48 -0.37 -12.35 -11.76
N ASP D 49 0.51 -11.63 -11.08
CA ASP D 49 1.83 -12.13 -10.68
C ASP D 49 2.06 -11.78 -9.23
N PRO D 50 1.48 -12.56 -8.31
CA PRO D 50 1.70 -12.28 -6.88
C PRO D 50 3.14 -12.47 -6.44
N GLY D 51 3.96 -13.17 -7.22
CA GLY D 51 5.33 -13.41 -6.85
C GLY D 51 6.17 -12.16 -6.69
N LYS D 52 5.70 -11.03 -7.24
CA LYS D 52 6.38 -9.76 -7.00
C LYS D 52 6.35 -9.40 -5.52
N PHE D 53 5.23 -9.67 -4.86
CA PHE D 53 5.06 -9.29 -3.45
C PHE D 53 5.16 -10.47 -2.50
N THR D 54 4.54 -11.60 -2.83
CA THR D 54 4.55 -12.74 -1.93
C THR D 54 5.88 -13.49 -1.95
N ASP D 55 6.57 -13.51 -3.09
CA ASP D 55 7.83 -14.23 -3.25
C ASP D 55 8.89 -13.32 -3.86
N PRO D 56 9.31 -12.29 -3.14
CA PRO D 56 10.33 -11.37 -3.68
C PRO D 56 11.77 -11.75 -3.36
N VAL D 57 12.00 -12.88 -2.71
CA VAL D 57 13.35 -13.26 -2.29
C VAL D 57 14.17 -13.69 -3.50
N LYS D 58 15.48 -13.46 -3.42
CA LYS D 58 16.37 -13.83 -4.52
C LYS D 58 16.48 -15.34 -4.64
N ASP D 59 16.73 -16.03 -3.53
CA ASP D 59 16.82 -17.48 -3.54
C ASP D 59 15.42 -18.08 -3.49
N LEU D 60 15.13 -19.01 -4.39
CA LEU D 60 13.81 -19.62 -4.46
C LEU D 60 13.48 -20.32 -3.15
N MET D 61 12.29 -20.04 -2.62
CA MET D 61 11.81 -20.65 -1.39
C MET D 61 10.65 -21.58 -1.72
N VAL D 62 10.82 -22.86 -1.42
CA VAL D 62 9.78 -23.86 -1.60
C VAL D 62 9.13 -24.12 -0.25
N LYS D 63 7.80 -24.13 -0.24
CA LYS D 63 7.07 -24.32 1.01
C LYS D 63 7.38 -25.68 1.64
N THR D 64 7.71 -26.69 0.84
CA THR D 64 7.95 -28.03 1.32
C THR D 64 9.36 -28.25 1.83
N LEU D 65 10.11 -27.18 2.10
CA LEU D 65 11.43 -27.27 2.71
C LEU D 65 11.57 -26.18 3.75
N PRO D 66 12.43 -26.39 4.75
CA PRO D 66 12.65 -25.34 5.77
C PRO D 66 13.14 -24.05 5.15
N ALA D 67 12.61 -22.93 5.66
CA ALA D 67 12.95 -21.63 5.10
C ALA D 67 14.33 -21.16 5.54
N LEU D 68 14.75 -21.53 6.74
CA LEU D 68 16.05 -21.12 7.31
C LEU D 68 16.19 -19.60 7.37
C1 PLM E . -3.19 11.89 -10.26
O1 PLM E . -3.07 12.40 -9.11
O2 PLM E . -3.35 10.68 -10.58
C2 PLM E . -3.10 12.92 -11.44
C3 PLM E . -4.36 13.76 -11.69
C4 PLM E . -5.55 12.98 -12.24
C5 PLM E . -5.25 12.26 -13.57
C6 PLM E . -5.04 13.21 -14.77
C7 PLM E . -6.23 14.13 -15.06
C8 PLM E . -6.17 14.79 -16.44
C9 PLM E . -7.11 15.99 -16.61
CA PLM E . -8.60 15.61 -16.59
CB PLM E . -9.52 16.69 -17.16
CC PLM E . -9.33 16.94 -18.67
CD PLM E . -10.63 16.78 -19.47
CE PLM E . -10.65 17.53 -20.80
CF PLM E . -12.03 17.62 -21.45
CG PLM E . -13.06 18.35 -20.57
#